data_1C3R
#
_entry.id   1C3R
#
_cell.length_a   53.4
_cell.length_b   94.4
_cell.length_c   156.3
_cell.angle_alpha   90
_cell.angle_beta   90
_cell.angle_gamma   90
#
_symmetry.space_group_name_H-M   'P 21 21 21'
#
loop_
_entity.id
_entity.type
_entity.pdbx_description
1 polymer 'HDLP (HISTONE DEACETYLASE-LIKE PROTEIN)'
2 non-polymer 'ZINC ION'
3 non-polymer 'TRICHOSTATIN A'
4 water water
#
_entity_poly.entity_id   1
_entity_poly.type   'polypeptide(L)'
_entity_poly.pdbx_seq_one_letter_code
;MKKVKLIGTLDYGKYRYPKNHPLKIPRVSLLLRFKDAMNLIDEKELIKSRPATKEELLLFHTEDYINTLMEAERSQSVPK
GAREKYNIGGYENPVSYAMFTGSSLATGSTVQAIEEFLKGNVAFNPAGGMHHAFKSRANGFCYINNPAVGIEYLRKKGFK
RILYIDLDAHHCDGVQEAFYDTDQVFVLSLHQSPEYAFPFEKGFLEEIGEGKGKGYNLNIPLPKGLNDNEFLFALEKSLE
IVKEVFEPEVYLLQLGTDPLLEDYLSKFNLSNVAFLKAFNIVREVFGEGVYLGGGGYHPYALARAWTLIWCELSGREVPE
KLNNKAKELLKSIDFEEFDDEVDRSYMLETLKDPWRGGEVRKEVKDTLEKAKASS
;
_entity_poly.pdbx_strand_id   A,B
#
loop_
_chem_comp.id
_chem_comp.type
_chem_comp.name
_chem_comp.formula
TSN non-polymer 'TRICHOSTATIN A' 'C17 H22 N2 O3'
ZN non-polymer 'ZINC ION' 'Zn 2'
#
# COMPACT_ATOMS: atom_id res chain seq x y z
N LYS A 2 -35.18 -23.43 -12.33
CA LYS A 2 -34.18 -22.45 -11.83
C LYS A 2 -32.98 -22.37 -12.77
N LYS A 3 -33.14 -21.66 -13.88
CA LYS A 3 -32.06 -21.53 -14.86
C LYS A 3 -30.83 -20.83 -14.32
N VAL A 4 -29.67 -21.22 -14.86
CA VAL A 4 -28.38 -20.68 -14.46
C VAL A 4 -27.87 -19.70 -15.49
N LYS A 5 -27.67 -18.45 -15.07
CA LYS A 5 -27.19 -17.41 -15.97
C LYS A 5 -25.89 -16.77 -15.54
N LEU A 6 -25.18 -16.22 -16.52
CA LEU A 6 -23.94 -15.51 -16.28
C LEU A 6 -24.16 -14.11 -16.84
N ILE A 7 -23.94 -13.10 -16.02
CA ILE A 7 -24.12 -11.72 -16.47
C ILE A 7 -22.77 -11.12 -16.82
N GLY A 8 -22.65 -10.61 -18.04
CA GLY A 8 -21.39 -10.03 -18.45
C GLY A 8 -21.40 -9.52 -19.87
N THR A 9 -20.24 -9.05 -20.32
CA THR A 9 -20.06 -8.51 -21.66
C THR A 9 -18.57 -8.31 -21.93
N LEU A 10 -18.18 -8.36 -23.20
CA LEU A 10 -16.79 -8.15 -23.57
C LEU A 10 -16.43 -6.68 -23.42
N ASP A 11 -17.44 -5.82 -23.45
CA ASP A 11 -17.21 -4.38 -23.32
C ASP A 11 -16.29 -3.99 -22.17
N TYR A 12 -16.32 -4.74 -21.07
CA TYR A 12 -15.46 -4.40 -19.94
C TYR A 12 -14.00 -4.33 -20.39
N GLY A 13 -13.67 -5.00 -21.48
CA GLY A 13 -12.31 -4.98 -21.98
C GLY A 13 -11.86 -3.61 -22.43
N LYS A 14 -12.81 -2.69 -22.51
CA LYS A 14 -12.54 -1.30 -22.92
C LYS A 14 -12.50 -0.35 -21.73
N TYR A 15 -12.69 -0.89 -20.53
CA TYR A 15 -12.71 -0.09 -19.33
C TYR A 15 -11.65 -0.51 -18.31
N ARG A 16 -10.44 -0.80 -18.78
CA ARG A 16 -9.34 -1.21 -17.92
C ARG A 16 -8.84 -0.03 -17.10
N TYR A 17 -8.15 -0.32 -16.00
CA TYR A 17 -7.58 0.72 -15.17
C TYR A 17 -6.27 1.12 -15.85
N PRO A 18 -5.73 2.30 -15.52
CA PRO A 18 -4.47 2.80 -16.11
C PRO A 18 -3.27 1.85 -16.08
N LYS A 19 -2.38 2.06 -17.05
CA LYS A 19 -1.15 1.28 -17.26
C LYS A 19 -0.48 0.50 -16.14
N ASN A 20 -0.19 1.13 -15.01
CA ASN A 20 0.49 0.43 -13.93
C ASN A 20 -0.40 -0.09 -12.81
N HIS A 21 -1.69 0.22 -12.90
CA HIS A 21 -2.65 -0.20 -11.88
C HIS A 21 -2.85 -1.71 -11.90
N PRO A 22 -2.98 -2.33 -10.72
CA PRO A 22 -3.20 -3.77 -10.65
C PRO A 22 -4.36 -4.24 -11.53
N LEU A 23 -5.39 -3.40 -11.68
CA LEU A 23 -6.56 -3.74 -12.48
C LEU A 23 -6.51 -3.36 -13.98
N LYS A 24 -5.33 -3.28 -14.57
CA LYS A 24 -5.28 -2.96 -15.99
C LYS A 24 -5.41 -4.23 -16.83
N ILE A 25 -5.38 -5.38 -16.17
CA ILE A 25 -5.49 -6.66 -16.88
C ILE A 25 -6.94 -6.95 -17.23
N PRO A 26 -7.17 -7.76 -18.27
CA PRO A 26 -8.53 -8.12 -18.69
C PRO A 26 -9.04 -9.05 -17.59
N ARG A 27 -10.32 -8.97 -17.26
CA ARG A 27 -10.85 -9.83 -16.23
C ARG A 27 -12.15 -10.50 -16.67
N VAL A 28 -13.27 -9.80 -16.53
CA VAL A 28 -14.53 -10.42 -16.94
C VAL A 28 -14.52 -10.76 -18.43
N SER A 29 -13.96 -9.89 -19.25
CA SER A 29 -13.91 -10.14 -20.67
C SER A 29 -13.00 -11.35 -20.92
N LEU A 30 -12.03 -11.55 -20.03
CA LEU A 30 -11.11 -12.68 -20.15
C LEU A 30 -11.92 -13.92 -19.81
N LEU A 31 -12.65 -13.84 -18.70
CA LEU A 31 -13.47 -14.96 -18.24
C LEU A 31 -14.35 -15.43 -19.41
N LEU A 32 -15.08 -14.51 -20.02
CA LEU A 32 -15.97 -14.86 -21.13
C LEU A 32 -15.23 -15.54 -22.29
N ARG A 33 -14.13 -14.95 -22.74
CA ARG A 33 -13.38 -15.55 -23.84
C ARG A 33 -12.80 -16.90 -23.44
N PHE A 34 -12.39 -17.03 -22.19
CA PHE A 34 -11.80 -18.27 -21.71
C PHE A 34 -12.84 -19.38 -21.76
N LYS A 35 -14.01 -19.13 -21.18
CA LYS A 35 -15.06 -20.13 -21.17
C LYS A 35 -15.46 -20.49 -22.59
N ASP A 36 -15.51 -19.49 -23.46
CA ASP A 36 -15.87 -19.74 -24.85
C ASP A 36 -14.83 -20.62 -25.53
N ALA A 37 -13.57 -20.38 -25.22
CA ALA A 37 -12.49 -21.16 -25.80
C ALA A 37 -12.57 -22.60 -25.32
N MET A 38 -13.08 -22.79 -24.10
CA MET A 38 -13.21 -24.12 -23.52
C MET A 38 -14.59 -24.73 -23.83
N ASN A 39 -15.42 -24.00 -24.57
CA ASN A 39 -16.76 -24.47 -24.88
C ASN A 39 -17.52 -24.77 -23.60
N LEU A 40 -17.42 -23.89 -22.62
CA LEU A 40 -18.08 -24.08 -21.35
C LEU A 40 -19.25 -23.13 -21.09
N ILE A 41 -19.76 -22.51 -22.15
CA ILE A 41 -20.91 -21.62 -22.00
C ILE A 41 -21.62 -21.44 -23.33
N ASP A 42 -22.95 -21.30 -23.27
CA ASP A 42 -23.74 -21.09 -24.48
C ASP A 42 -24.32 -19.69 -24.43
N GLU A 43 -24.49 -19.09 -25.61
CA GLU A 43 -25.00 -17.74 -25.72
C GLU A 43 -26.29 -17.55 -24.92
N LYS A 44 -27.07 -18.63 -24.80
CA LYS A 44 -28.33 -18.61 -24.06
C LYS A 44 -28.19 -18.45 -22.55
N GLU A 45 -27.03 -18.82 -22.01
CA GLU A 45 -26.78 -18.72 -20.59
C GLU A 45 -26.23 -17.35 -20.22
N LEU A 46 -25.85 -16.59 -21.23
CA LEU A 46 -25.27 -15.27 -21.02
C LEU A 46 -26.24 -14.10 -21.12
N ILE A 47 -26.26 -13.26 -20.09
CA ILE A 47 -27.11 -12.08 -20.05
C ILE A 47 -26.23 -10.85 -20.19
N LYS A 48 -26.48 -10.05 -21.23
CA LYS A 48 -25.68 -8.85 -21.46
C LYS A 48 -25.84 -7.83 -20.34
N SER A 49 -24.72 -7.39 -19.78
CA SER A 49 -24.70 -6.41 -18.70
C SER A 49 -25.35 -5.09 -19.14
N ARG A 50 -26.03 -4.42 -18.22
CA ARG A 50 -26.64 -3.14 -18.53
C ARG A 50 -26.13 -2.16 -17.48
N PRO A 51 -26.08 -0.86 -17.82
CA PRO A 51 -25.61 0.12 -16.84
C PRO A 51 -26.64 0.22 -15.74
N ALA A 52 -26.24 0.69 -14.57
CA ALA A 52 -27.19 0.87 -13.49
C ALA A 52 -27.89 2.18 -13.83
N THR A 53 -29.12 2.36 -13.35
CA THR A 53 -29.83 3.61 -13.59
C THR A 53 -29.37 4.57 -12.50
N LYS A 54 -29.56 5.86 -12.71
CA LYS A 54 -29.15 6.84 -11.71
C LYS A 54 -29.92 6.55 -10.43
N GLU A 55 -31.17 6.16 -10.57
CA GLU A 55 -32.02 5.83 -9.42
C GLU A 55 -31.42 4.69 -8.59
N GLU A 56 -30.98 3.63 -9.26
CA GLU A 56 -30.39 2.50 -8.55
C GLU A 56 -29.13 2.94 -7.78
N LEU A 57 -28.29 3.74 -8.44
CA LEU A 57 -27.07 4.22 -7.81
C LEU A 57 -27.40 5.05 -6.58
N LEU A 58 -28.43 5.88 -6.68
CA LEU A 58 -28.82 6.74 -5.57
C LEU A 58 -29.40 5.97 -4.40
N LEU A 59 -29.54 4.66 -4.56
CA LEU A 59 -30.05 3.83 -3.47
C LEU A 59 -28.99 3.84 -2.38
N PHE A 60 -27.74 4.05 -2.76
CA PHE A 60 -26.64 4.09 -1.79
C PHE A 60 -25.77 5.34 -1.84
N HIS A 61 -25.24 5.67 -3.01
CA HIS A 61 -24.39 6.85 -3.14
C HIS A 61 -25.14 8.17 -3.27
N THR A 62 -24.45 9.27 -2.98
CA THR A 62 -25.04 10.60 -3.06
C THR A 62 -24.94 11.19 -4.46
N GLU A 63 -25.88 12.07 -4.77
CA GLU A 63 -25.94 12.74 -6.07
C GLU A 63 -24.61 13.38 -6.43
N ASP A 64 -24.09 14.18 -5.50
CA ASP A 64 -22.83 14.89 -5.68
C ASP A 64 -21.67 14.00 -6.05
N TYR A 65 -21.55 12.87 -5.35
CA TYR A 65 -20.48 11.93 -5.65
C TYR A 65 -20.68 11.34 -7.05
N ILE A 66 -21.88 10.82 -7.32
CA ILE A 66 -22.16 10.25 -8.62
C ILE A 66 -21.90 11.28 -9.73
N ASN A 67 -22.42 12.49 -9.56
CA ASN A 67 -22.20 13.52 -10.57
C ASN A 67 -20.72 13.79 -10.76
N THR A 68 -19.95 13.75 -9.68
CA THR A 68 -18.52 13.99 -9.79
C THR A 68 -17.86 12.89 -10.60
N LEU A 69 -18.24 11.64 -10.38
CA LEU A 69 -17.65 10.53 -11.13
C LEU A 69 -17.93 10.71 -12.61
N MET A 70 -19.17 11.04 -12.94
CA MET A 70 -19.56 11.24 -14.33
C MET A 70 -18.79 12.39 -14.98
N GLU A 71 -18.69 13.52 -14.27
CA GLU A 71 -17.96 14.67 -14.80
C GLU A 71 -16.49 14.36 -14.95
N ALA A 72 -15.91 13.69 -13.95
CA ALA A 72 -14.50 13.34 -13.99
C ALA A 72 -14.20 12.46 -15.19
N GLU A 73 -15.07 11.51 -15.47
CA GLU A 73 -14.84 10.63 -16.60
C GLU A 73 -15.03 11.29 -17.96
N ARG A 74 -16.08 12.09 -18.11
CA ARG A 74 -16.30 12.72 -19.41
C ARG A 74 -15.17 13.70 -19.75
N SER A 75 -14.73 14.47 -18.75
CA SER A 75 -13.65 15.44 -18.96
C SER A 75 -12.29 14.77 -18.83
N GLN A 76 -12.30 13.52 -18.37
CA GLN A 76 -11.09 12.76 -18.16
C GLN A 76 -10.12 13.60 -17.32
N SER A 77 -10.65 14.25 -16.30
CA SER A 77 -9.85 15.09 -15.42
C SER A 77 -10.47 15.11 -14.04
N VAL A 78 -9.68 15.49 -13.05
CA VAL A 78 -10.16 15.56 -11.68
C VAL A 78 -10.71 16.94 -11.35
N PRO A 79 -12.04 17.04 -11.19
CA PRO A 79 -12.69 18.30 -10.87
C PRO A 79 -12.12 18.95 -9.61
N LYS A 80 -12.14 20.28 -9.57
CA LYS A 80 -11.64 21.07 -8.45
C LYS A 80 -12.00 20.50 -7.08
N GLY A 81 -10.98 20.21 -6.27
CA GLY A 81 -11.18 19.68 -4.93
C GLY A 81 -11.76 18.28 -4.83
N ALA A 82 -12.13 17.70 -5.96
CA ALA A 82 -12.70 16.35 -5.97
C ALA A 82 -11.72 15.29 -5.48
N ARG A 83 -10.44 15.50 -5.76
CA ARG A 83 -9.40 14.55 -5.37
C ARG A 83 -9.40 14.29 -3.86
N GLU A 84 -9.46 15.37 -3.08
CA GLU A 84 -9.47 15.26 -1.63
C GLU A 84 -10.84 14.99 -1.03
N LYS A 85 -11.88 15.49 -1.68
CA LYS A 85 -13.23 15.31 -1.16
C LYS A 85 -13.82 13.95 -1.54
N TYR A 86 -13.48 13.48 -2.74
CA TYR A 86 -14.03 12.23 -3.24
C TYR A 86 -13.00 11.11 -3.40
N ASN A 87 -11.74 11.43 -3.10
CA ASN A 87 -10.65 10.47 -3.16
C ASN A 87 -10.44 9.83 -4.53
N ILE A 88 -10.64 10.62 -5.57
CA ILE A 88 -10.47 10.18 -6.95
C ILE A 88 -9.29 10.93 -7.57
N GLY A 89 -8.59 10.29 -8.50
CA GLY A 89 -7.47 10.94 -9.15
C GLY A 89 -6.09 10.46 -8.73
N GLY A 90 -6.00 9.82 -7.57
CA GLY A 90 -4.72 9.31 -7.11
C GLY A 90 -4.40 8.01 -7.82
N TYR A 91 -3.40 7.29 -7.33
CA TYR A 91 -2.99 6.03 -7.94
C TYR A 91 -3.97 4.91 -7.61
N GLU A 92 -4.69 5.07 -6.50
CA GLU A 92 -5.62 4.05 -6.05
C GLU A 92 -6.91 4.02 -6.86
N ASN A 93 -7.56 5.18 -6.99
CA ASN A 93 -8.82 5.31 -7.70
C ASN A 93 -8.65 6.41 -8.74
N PRO A 94 -7.85 6.14 -9.79
CA PRO A 94 -7.55 7.07 -10.88
C PRO A 94 -8.68 7.39 -11.85
N VAL A 95 -8.41 8.35 -12.72
CA VAL A 95 -9.35 8.76 -13.75
C VAL A 95 -9.24 7.72 -14.85
N SER A 96 -10.38 7.30 -15.39
CA SER A 96 -10.40 6.33 -16.48
C SER A 96 -11.86 6.15 -16.87
N TYR A 97 -12.14 5.17 -17.72
CA TYR A 97 -13.52 4.94 -18.12
C TYR A 97 -14.12 3.81 -17.30
N ALA A 98 -13.40 3.41 -16.27
CA ALA A 98 -13.88 2.37 -15.36
C ALA A 98 -14.54 3.09 -14.19
N MET A 99 -14.07 4.30 -13.90
CA MET A 99 -14.57 5.07 -12.78
C MET A 99 -16.09 5.25 -12.79
N PHE A 100 -16.69 5.38 -13.96
CA PHE A 100 -18.14 5.50 -14.01
C PHE A 100 -18.82 4.54 -14.97
N THR A 101 -18.40 4.52 -16.23
CA THR A 101 -19.03 3.62 -17.21
C THR A 101 -18.82 2.15 -16.83
N GLY A 102 -17.58 1.77 -16.56
CA GLY A 102 -17.30 0.40 -16.17
C GLY A 102 -18.01 0.03 -14.88
N SER A 103 -17.83 0.86 -13.86
CA SER A 103 -18.45 0.63 -12.55
C SER A 103 -19.96 0.55 -12.63
N SER A 104 -20.56 1.44 -13.41
CA SER A 104 -22.01 1.45 -13.57
C SER A 104 -22.48 0.14 -14.21
N LEU A 105 -21.72 -0.34 -15.18
CA LEU A 105 -22.06 -1.58 -15.87
C LEU A 105 -21.95 -2.77 -14.91
N ALA A 106 -20.93 -2.72 -14.05
CA ALA A 106 -20.71 -3.78 -13.07
C ALA A 106 -21.80 -3.73 -11.99
N THR A 107 -22.26 -2.54 -11.68
CA THR A 107 -23.29 -2.37 -10.67
C THR A 107 -24.66 -2.76 -11.24
N GLY A 108 -24.92 -2.37 -12.48
CA GLY A 108 -26.19 -2.73 -13.09
C GLY A 108 -26.27 -4.23 -13.17
N SER A 109 -25.14 -4.87 -13.44
CA SER A 109 -25.08 -6.33 -13.55
C SER A 109 -25.45 -6.99 -12.23
N THR A 110 -25.14 -6.34 -11.11
CA THR A 110 -25.50 -6.88 -9.80
C THR A 110 -27.01 -6.80 -9.62
N VAL A 111 -27.62 -5.72 -10.11
CA VAL A 111 -29.06 -5.58 -9.99
C VAL A 111 -29.72 -6.66 -10.87
N GLN A 112 -29.12 -6.95 -12.02
CA GLN A 112 -29.67 -7.97 -12.90
C GLN A 112 -29.56 -9.34 -12.26
N ALA A 113 -28.42 -9.61 -11.62
CA ALA A 113 -28.24 -10.90 -10.96
C ALA A 113 -29.34 -11.06 -9.93
N ILE A 114 -29.65 -9.96 -9.24
CA ILE A 114 -30.69 -10.01 -8.23
C ILE A 114 -32.07 -10.19 -8.88
N GLU A 115 -32.28 -9.54 -10.02
CA GLU A 115 -33.57 -9.67 -10.70
C GLU A 115 -33.80 -11.12 -11.08
N GLU A 116 -32.73 -11.79 -11.50
CA GLU A 116 -32.83 -13.19 -11.88
C GLU A 116 -33.20 -14.05 -10.67
N PHE A 117 -32.65 -13.69 -9.51
CA PHE A 117 -32.94 -14.42 -8.28
C PHE A 117 -34.44 -14.35 -8.01
N LEU A 118 -35.00 -13.15 -8.16
CA LEU A 118 -36.41 -12.93 -7.93
C LEU A 118 -37.24 -13.73 -8.93
N LYS A 119 -36.73 -13.88 -10.15
CA LYS A 119 -37.46 -14.63 -11.16
C LYS A 119 -37.28 -16.13 -10.97
N GLY A 120 -36.60 -16.51 -9.90
CA GLY A 120 -36.40 -17.92 -9.62
C GLY A 120 -35.20 -18.54 -10.29
N ASN A 121 -34.33 -17.72 -10.89
CA ASN A 121 -33.13 -18.25 -11.52
C ASN A 121 -31.93 -17.99 -10.63
N VAL A 122 -30.76 -18.44 -11.09
CA VAL A 122 -29.53 -18.25 -10.34
C VAL A 122 -28.55 -17.56 -11.27
N ALA A 123 -27.96 -16.47 -10.81
CA ALA A 123 -27.04 -15.71 -11.64
C ALA A 123 -25.74 -15.38 -10.93
N PHE A 124 -24.70 -15.20 -11.74
CA PHE A 124 -23.38 -14.86 -11.25
C PHE A 124 -22.91 -13.62 -11.99
N ASN A 125 -22.55 -12.59 -11.24
CA ASN A 125 -22.03 -11.35 -11.81
C ASN A 125 -20.58 -11.17 -11.37
N PRO A 126 -19.63 -11.74 -12.13
CA PRO A 126 -18.21 -11.65 -11.83
C PRO A 126 -17.63 -10.24 -11.75
N ALA A 127 -18.33 -9.26 -12.31
CA ALA A 127 -17.86 -7.87 -12.29
C ALA A 127 -18.23 -7.16 -11.00
N GLY A 128 -19.15 -7.74 -10.24
CA GLY A 128 -19.56 -7.11 -8.99
C GLY A 128 -18.67 -7.46 -7.81
N GLY A 129 -19.08 -7.05 -6.62
CA GLY A 129 -18.31 -7.32 -5.42
C GLY A 129 -17.34 -6.21 -5.07
N MET A 130 -17.55 -5.04 -5.67
CA MET A 130 -16.69 -3.88 -5.42
C MET A 130 -17.05 -3.40 -4.02
N HIS A 131 -16.50 -4.10 -3.02
CA HIS A 131 -16.85 -3.85 -1.64
C HIS A 131 -16.23 -2.72 -0.84
N HIS A 132 -15.35 -1.91 -1.43
CA HIS A 132 -14.71 -0.83 -0.67
C HIS A 132 -15.33 0.58 -0.71
N ALA A 133 -15.98 0.94 -1.81
CA ALA A 133 -16.54 2.30 -1.94
C ALA A 133 -17.50 2.70 -0.84
N PHE A 134 -17.41 3.96 -0.43
CA PHE A 134 -18.30 4.47 0.60
C PHE A 134 -19.41 5.30 -0.05
N LYS A 135 -20.38 5.67 0.76
CA LYS A 135 -21.51 6.48 0.30
C LYS A 135 -21.10 7.61 -0.64
N SER A 136 -20.09 8.38 -0.26
CA SER A 136 -19.66 9.52 -1.07
C SER A 136 -18.17 9.58 -1.36
N ARG A 137 -17.50 8.44 -1.44
CA ARG A 137 -16.07 8.48 -1.69
C ARG A 137 -15.51 7.16 -2.22
N ALA A 138 -14.57 7.26 -3.15
CA ALA A 138 -13.95 6.09 -3.73
C ALA A 138 -12.97 5.52 -2.71
N ASN A 139 -12.72 4.21 -2.79
CA ASN A 139 -11.82 3.57 -1.85
C ASN A 139 -11.37 2.19 -2.34
N GLY A 140 -10.10 1.88 -2.11
CA GLY A 140 -9.55 0.59 -2.51
C GLY A 140 -9.86 0.11 -3.92
N PHE A 141 -9.68 0.99 -4.92
CA PHE A 141 -9.93 0.65 -6.32
C PHE A 141 -11.41 0.70 -6.68
N CYS A 142 -12.27 0.85 -5.68
CA CYS A 142 -13.72 0.86 -5.91
C CYS A 142 -14.32 2.26 -5.99
N TYR A 143 -15.11 2.49 -7.03
CA TYR A 143 -15.78 3.78 -7.20
C TYR A 143 -17.24 3.65 -6.76
N ILE A 144 -17.87 2.53 -7.12
CA ILE A 144 -19.26 2.28 -6.76
C ILE A 144 -19.36 0.95 -5.99
N ASN A 145 -20.11 0.96 -4.90
CA ASN A 145 -20.27 -0.24 -4.07
C ASN A 145 -21.52 -1.00 -4.52
N ASN A 146 -21.38 -1.87 -5.51
CA ASN A 146 -22.54 -2.62 -6.01
C ASN A 146 -23.20 -3.51 -4.95
N PRO A 147 -22.43 -4.07 -4.00
CA PRO A 147 -23.09 -4.90 -3.00
C PRO A 147 -24.07 -4.04 -2.17
N ALA A 148 -23.65 -2.82 -1.84
CA ALA A 148 -24.49 -1.90 -1.08
C ALA A 148 -25.72 -1.49 -1.87
N VAL A 149 -25.54 -1.26 -3.17
CA VAL A 149 -26.65 -0.89 -4.04
C VAL A 149 -27.61 -2.05 -4.11
N GLY A 150 -27.08 -3.25 -4.34
CA GLY A 150 -27.90 -4.44 -4.43
C GLY A 150 -28.69 -4.70 -3.16
N ILE A 151 -28.02 -4.57 -2.02
CA ILE A 151 -28.68 -4.80 -0.74
C ILE A 151 -29.79 -3.78 -0.50
N GLU A 152 -29.52 -2.50 -0.81
CA GLU A 152 -30.55 -1.47 -0.63
C GLU A 152 -31.71 -1.76 -1.59
N TYR A 153 -31.36 -2.23 -2.78
CA TYR A 153 -32.36 -2.57 -3.79
C TYR A 153 -33.31 -3.61 -3.19
N LEU A 154 -32.72 -4.61 -2.54
CA LEU A 154 -33.51 -5.66 -1.91
C LEU A 154 -34.41 -5.16 -0.79
N ARG A 155 -33.88 -4.29 0.08
CA ARG A 155 -34.68 -3.76 1.18
C ARG A 155 -35.91 -3.05 0.63
N LYS A 156 -35.73 -2.27 -0.42
CA LYS A 156 -36.84 -1.57 -1.03
C LYS A 156 -37.86 -2.51 -1.66
N LYS A 157 -37.43 -3.72 -1.98
CA LYS A 157 -38.34 -4.71 -2.55
C LYS A 157 -39.10 -5.40 -1.43
N GLY A 158 -38.80 -5.03 -0.19
CA GLY A 158 -39.49 -5.62 0.94
C GLY A 158 -38.73 -6.60 1.82
N PHE A 159 -37.52 -6.99 1.42
CA PHE A 159 -36.76 -7.93 2.23
C PHE A 159 -36.29 -7.29 3.53
N LYS A 160 -36.35 -8.06 4.61
CA LYS A 160 -35.95 -7.58 5.94
C LYS A 160 -34.78 -8.32 6.59
N ARG A 161 -34.38 -9.44 5.99
CA ARG A 161 -33.27 -10.20 6.53
C ARG A 161 -32.36 -10.60 5.36
N ILE A 162 -31.35 -9.78 5.11
CA ILE A 162 -30.41 -9.99 4.03
C ILE A 162 -29.02 -10.34 4.59
N LEU A 163 -28.43 -11.42 4.07
CA LEU A 163 -27.10 -11.86 4.49
C LEU A 163 -26.08 -11.58 3.39
N TYR A 164 -24.92 -11.07 3.78
CA TYR A 164 -23.84 -10.78 2.82
C TYR A 164 -22.57 -11.48 3.29
N ILE A 165 -22.06 -12.39 2.48
CA ILE A 165 -20.85 -13.14 2.82
C ILE A 165 -19.73 -12.73 1.87
N ASP A 166 -18.61 -12.30 2.45
CA ASP A 166 -17.49 -11.82 1.66
C ASP A 166 -16.23 -12.69 1.78
N LEU A 167 -15.94 -13.47 0.74
CA LEU A 167 -14.76 -14.34 0.77
C LEU A 167 -13.50 -13.70 0.20
N ASP A 168 -13.62 -12.45 -0.22
CA ASP A 168 -12.49 -11.70 -0.76
C ASP A 168 -11.43 -11.67 0.35
N ALA A 169 -10.15 -11.73 -0.03
CA ALA A 169 -9.07 -11.69 0.96
C ALA A 169 -8.94 -10.37 1.72
N HIS A 170 -9.70 -9.35 1.31
CA HIS A 170 -9.66 -8.07 2.01
C HIS A 170 -11.01 -7.76 2.65
N HIS A 171 -10.98 -7.03 3.75
CA HIS A 171 -12.20 -6.66 4.46
C HIS A 171 -13.08 -5.70 3.68
N CYS A 172 -14.39 -5.95 3.71
CA CYS A 172 -15.37 -5.12 3.03
C CYS A 172 -15.74 -3.90 3.89
N ASP A 173 -14.77 -3.03 4.14
CA ASP A 173 -15.03 -1.85 4.96
C ASP A 173 -16.20 -1.01 4.44
N GLY A 174 -16.31 -0.85 3.12
CA GLY A 174 -17.41 -0.06 2.59
C GLY A 174 -18.77 -0.66 2.93
N VAL A 175 -18.91 -1.96 2.71
CA VAL A 175 -20.16 -2.64 3.01
C VAL A 175 -20.45 -2.68 4.51
N GLN A 176 -19.42 -2.88 5.31
CA GLN A 176 -19.62 -2.91 6.76
C GLN A 176 -20.18 -1.60 7.26
N GLU A 177 -19.63 -0.49 6.76
CA GLU A 177 -20.09 0.82 7.19
C GLU A 177 -21.53 1.06 6.78
N ALA A 178 -21.86 0.66 5.56
CA ALA A 178 -23.20 0.83 5.03
C ALA A 178 -24.30 0.22 5.88
N PHE A 179 -24.06 -0.95 6.46
CA PHE A 179 -25.10 -1.58 7.25
C PHE A 179 -24.69 -1.89 8.68
N TYR A 180 -23.74 -1.11 9.19
CA TYR A 180 -23.25 -1.31 10.54
C TYR A 180 -24.31 -1.07 11.61
N ASP A 181 -25.28 -0.19 11.35
CA ASP A 181 -26.28 0.12 12.35
C ASP A 181 -27.68 -0.47 12.12
N THR A 182 -27.78 -1.50 11.28
CA THR A 182 -29.09 -2.10 11.04
C THR A 182 -29.08 -3.62 11.25
N ASP A 183 -30.20 -4.13 11.75
CA ASP A 183 -30.32 -5.56 12.01
C ASP A 183 -31.01 -6.28 10.86
N GLN A 184 -31.34 -5.55 9.80
CA GLN A 184 -31.99 -6.15 8.64
C GLN A 184 -30.95 -6.72 7.69
N VAL A 185 -29.69 -6.39 7.93
CA VAL A 185 -28.58 -6.85 7.10
C VAL A 185 -27.47 -7.43 7.96
N PHE A 186 -27.05 -8.66 7.66
CA PHE A 186 -25.97 -9.29 8.40
C PHE A 186 -24.78 -9.38 7.45
N VAL A 187 -23.62 -8.91 7.92
CA VAL A 187 -22.40 -8.95 7.11
C VAL A 187 -21.38 -9.88 7.75
N LEU A 188 -20.93 -10.87 6.98
CA LEU A 188 -19.91 -11.82 7.43
C LEU A 188 -18.73 -11.72 6.49
N SER A 189 -17.55 -11.45 7.03
CA SER A 189 -16.38 -11.34 6.19
C SER A 189 -15.14 -12.05 6.70
N LEU A 190 -14.50 -12.81 5.82
CA LEU A 190 -13.25 -13.48 6.16
C LEU A 190 -12.24 -12.67 5.36
N HIS A 191 -11.10 -12.37 5.94
CA HIS A 191 -10.09 -11.57 5.26
C HIS A 191 -8.76 -11.54 6.00
N GLN A 192 -7.74 -11.03 5.33
CA GLN A 192 -6.42 -10.93 5.95
C GLN A 192 -6.61 -9.93 7.07
N SER A 193 -6.01 -10.21 8.22
CA SER A 193 -6.11 -9.30 9.35
C SER A 193 -5.68 -7.89 8.96
N PRO A 194 -6.42 -6.86 9.39
CA PRO A 194 -6.10 -5.47 9.08
C PRO A 194 -4.74 -5.08 9.65
N GLU A 195 -4.23 -5.90 10.56
CA GLU A 195 -2.95 -5.60 11.18
C GLU A 195 -1.84 -5.56 10.12
N TYR A 196 -1.97 -6.36 9.06
CA TYR A 196 -0.94 -6.39 8.03
C TYR A 196 -1.47 -6.19 6.63
N ALA A 197 -2.78 -6.01 6.48
CA ALA A 197 -3.33 -5.86 5.14
C ALA A 197 -4.40 -4.80 4.99
N PHE A 198 -4.54 -4.33 3.76
CA PHE A 198 -5.57 -3.33 3.44
C PHE A 198 -6.91 -4.02 3.66
N PRO A 199 -7.89 -3.31 4.25
CA PRO A 199 -7.76 -1.94 4.72
C PRO A 199 -7.11 -2.17 6.08
N PHE A 200 -6.36 -1.21 6.58
CA PHE A 200 -5.71 -1.40 7.84
C PHE A 200 -6.51 -0.85 9.01
N GLU A 201 -7.46 0.04 8.73
CA GLU A 201 -8.28 0.70 9.75
C GLU A 201 -9.50 -0.07 10.24
N LYS A 202 -9.99 -0.99 9.44
CA LYS A 202 -11.15 -1.74 9.84
C LYS A 202 -11.02 -3.19 9.47
N GLY A 203 -11.89 -4.02 10.04
CA GLY A 203 -11.84 -5.44 9.77
C GLY A 203 -11.49 -6.25 11.02
N PHE A 204 -11.35 -5.58 12.16
CA PHE A 204 -11.03 -6.29 13.40
C PHE A 204 -12.25 -7.01 13.97
N LEU A 205 -11.99 -8.07 14.75
CA LEU A 205 -13.04 -8.88 15.36
C LEU A 205 -13.98 -8.12 16.28
N GLU A 206 -13.48 -7.06 16.91
CA GLU A 206 -14.28 -6.27 17.83
C GLU A 206 -15.42 -5.50 17.15
N GLU A 207 -15.27 -5.22 15.86
CA GLU A 207 -16.27 -4.48 15.10
C GLU A 207 -17.48 -5.37 14.85
N ILE A 208 -18.43 -5.36 15.77
CA ILE A 208 -19.61 -6.21 15.65
C ILE A 208 -20.91 -5.47 15.31
N GLY A 209 -20.83 -4.16 15.12
CA GLY A 209 -22.02 -3.40 14.78
C GLY A 209 -22.45 -2.47 15.91
N GLU A 210 -23.33 -1.53 15.60
CA GLU A 210 -23.80 -0.58 16.61
C GLU A 210 -25.31 -0.42 16.53
N GLY A 211 -25.90 0.05 17.63
CA GLY A 211 -27.34 0.24 17.67
C GLY A 211 -28.09 -1.05 17.39
N LYS A 212 -29.14 -0.98 16.59
CA LYS A 212 -29.91 -2.17 16.26
C LYS A 212 -29.04 -3.19 15.53
N GLY A 213 -27.97 -2.70 14.90
CA GLY A 213 -27.08 -3.58 14.17
C GLY A 213 -26.03 -4.27 15.03
N LYS A 214 -26.01 -3.95 16.33
CA LYS A 214 -25.04 -4.56 17.22
C LYS A 214 -25.24 -6.07 17.21
N GLY A 215 -24.23 -6.80 16.78
CA GLY A 215 -24.32 -8.24 16.71
C GLY A 215 -24.63 -8.71 15.30
N TYR A 216 -24.77 -7.77 14.37
CA TYR A 216 -25.06 -8.14 12.99
C TYR A 216 -23.91 -7.94 12.00
N ASN A 217 -22.70 -7.81 12.54
CA ASN A 217 -21.51 -7.68 11.71
C ASN A 217 -20.45 -8.59 12.32
N LEU A 218 -19.87 -9.47 11.50
CA LEU A 218 -18.88 -10.40 11.99
C LEU A 218 -17.65 -10.42 11.09
N ASN A 219 -16.50 -10.08 11.66
CA ASN A 219 -15.22 -10.07 10.94
C ASN A 219 -14.35 -11.20 11.41
N ILE A 220 -13.81 -11.97 10.48
CA ILE A 220 -12.92 -13.07 10.82
C ILE A 220 -11.52 -12.78 10.26
N PRO A 221 -10.69 -12.02 11.01
CA PRO A 221 -9.34 -11.69 10.56
C PRO A 221 -8.47 -12.94 10.60
N LEU A 222 -7.73 -13.19 9.51
CA LEU A 222 -6.88 -14.38 9.40
C LEU A 222 -5.40 -14.06 9.15
N PRO A 223 -4.49 -14.92 9.63
CA PRO A 223 -3.03 -14.76 9.48
C PRO A 223 -2.47 -14.99 8.07
N LYS A 224 -1.21 -14.57 7.91
CA LYS A 224 -0.48 -14.70 6.66
C LYS A 224 -0.17 -16.18 6.41
N GLY A 225 0.04 -16.53 5.15
CA GLY A 225 0.36 -17.91 4.81
C GLY A 225 -0.79 -18.89 5.00
N LEU A 226 -2.01 -18.37 5.13
CA LEU A 226 -3.20 -19.20 5.34
C LEU A 226 -3.27 -20.37 4.35
N ASN A 227 -3.60 -21.57 4.83
CA ASN A 227 -3.71 -22.71 3.92
C ASN A 227 -5.18 -23.09 3.70
N ASP A 228 -5.45 -24.00 2.77
CA ASP A 228 -6.83 -24.39 2.47
C ASP A 228 -7.62 -24.89 3.67
N ASN A 229 -6.99 -25.70 4.52
CA ASN A 229 -7.68 -26.23 5.69
C ASN A 229 -8.07 -25.14 6.67
N GLU A 230 -7.20 -24.15 6.85
CA GLU A 230 -7.51 -23.06 7.75
C GLU A 230 -8.67 -22.21 7.22
N PHE A 231 -8.69 -21.97 5.91
CA PHE A 231 -9.74 -21.16 5.30
C PHE A 231 -11.11 -21.83 5.45
N LEU A 232 -11.19 -23.11 5.07
CA LEU A 232 -12.45 -23.83 5.17
C LEU A 232 -12.89 -24.00 6.62
N PHE A 233 -11.93 -24.16 7.53
CA PHE A 233 -12.22 -24.30 8.96
C PHE A 233 -12.90 -23.00 9.40
N ALA A 234 -12.27 -21.88 9.06
CA ALA A 234 -12.79 -20.57 9.43
C ALA A 234 -14.17 -20.34 8.81
N LEU A 235 -14.33 -20.74 7.56
CA LEU A 235 -15.59 -20.56 6.87
C LEU A 235 -16.71 -21.36 7.56
N GLU A 236 -16.47 -22.65 7.76
CA GLU A 236 -17.46 -23.53 8.39
C GLU A 236 -17.88 -23.04 9.76
N LYS A 237 -16.90 -22.72 10.61
CA LYS A 237 -17.20 -22.26 11.95
C LYS A 237 -17.99 -20.96 11.95
N SER A 238 -17.55 -19.97 11.17
CA SER A 238 -18.25 -18.70 11.13
C SER A 238 -19.67 -18.85 10.57
N LEU A 239 -19.84 -19.74 9.59
CA LEU A 239 -21.19 -19.94 9.04
C LEU A 239 -22.10 -20.47 10.12
N GLU A 240 -21.58 -21.38 10.96
CA GLU A 240 -22.37 -21.94 12.05
C GLU A 240 -22.82 -20.82 12.98
N ILE A 241 -21.93 -19.85 13.19
CA ILE A 241 -22.25 -18.73 14.07
C ILE A 241 -23.40 -17.91 13.49
N VAL A 242 -23.36 -17.67 12.19
CA VAL A 242 -24.39 -16.88 11.52
C VAL A 242 -25.73 -17.62 11.54
N LYS A 243 -25.68 -18.90 11.19
CA LYS A 243 -26.88 -19.73 11.17
C LYS A 243 -27.67 -19.71 12.47
N GLU A 244 -26.96 -19.60 13.60
CA GLU A 244 -27.60 -19.60 14.91
C GLU A 244 -28.19 -18.27 15.37
N VAL A 245 -27.95 -17.21 14.63
CA VAL A 245 -28.47 -15.91 15.03
C VAL A 245 -29.13 -15.12 13.90
N PHE A 246 -29.15 -15.68 12.69
CA PHE A 246 -29.74 -14.96 11.58
C PHE A 246 -30.34 -15.91 10.56
N GLU A 247 -31.63 -15.73 10.27
CA GLU A 247 -32.35 -16.55 9.30
C GLU A 247 -32.61 -15.65 8.11
N PRO A 248 -31.68 -15.64 7.14
CA PRO A 248 -31.76 -14.83 5.93
C PRO A 248 -32.85 -15.20 4.94
N GLU A 249 -33.53 -14.19 4.41
CA GLU A 249 -34.55 -14.43 3.40
C GLU A 249 -33.83 -14.57 2.06
N VAL A 250 -32.64 -13.98 1.97
CA VAL A 250 -31.82 -14.02 0.74
C VAL A 250 -30.39 -13.66 1.09
N TYR A 251 -29.43 -14.11 0.31
CA TYR A 251 -28.04 -13.76 0.61
C TYR A 251 -27.22 -13.52 -0.64
N LEU A 252 -26.18 -12.72 -0.49
CA LEU A 252 -25.25 -12.43 -1.57
C LEU A 252 -23.89 -12.97 -1.16
N LEU A 253 -23.15 -13.51 -2.13
CA LEU A 253 -21.83 -14.06 -1.86
C LEU A 253 -20.81 -13.40 -2.79
N GLN A 254 -19.80 -12.75 -2.21
CA GLN A 254 -18.76 -12.08 -3.01
C GLN A 254 -17.59 -13.06 -3.11
N LEU A 255 -17.22 -13.34 -4.36
CA LEU A 255 -16.18 -14.32 -4.66
C LEU A 255 -14.88 -13.83 -5.27
N GLY A 256 -14.25 -12.84 -4.66
CA GLY A 256 -12.97 -12.35 -5.18
C GLY A 256 -12.00 -13.52 -5.21
N THR A 257 -11.12 -13.54 -6.20
CA THR A 257 -10.18 -14.64 -6.29
C THR A 257 -8.82 -14.28 -5.69
N ASP A 258 -8.68 -13.08 -5.11
CA ASP A 258 -7.37 -12.71 -4.56
C ASP A 258 -6.83 -13.55 -3.39
N PRO A 259 -7.68 -14.36 -2.73
CA PRO A 259 -7.12 -15.18 -1.64
C PRO A 259 -6.25 -16.35 -2.17
N LEU A 260 -6.22 -16.54 -3.49
CA LEU A 260 -5.43 -17.61 -4.10
C LEU A 260 -3.91 -17.41 -3.99
N LEU A 261 -3.18 -18.52 -3.86
CA LEU A 261 -1.72 -18.49 -3.73
C LEU A 261 -1.05 -17.58 -4.75
N GLU A 262 -1.39 -17.80 -6.03
CA GLU A 262 -0.79 -17.05 -7.12
C GLU A 262 -1.08 -15.54 -7.18
N ASP A 263 -1.99 -15.03 -6.36
CA ASP A 263 -2.31 -13.61 -6.40
C ASP A 263 -1.47 -12.90 -5.36
N TYR A 264 -0.64 -11.96 -5.82
CA TYR A 264 0.26 -11.22 -4.93
C TYR A 264 -0.39 -10.25 -3.96
N LEU A 265 -1.63 -9.84 -4.22
CA LEU A 265 -2.26 -8.90 -3.30
C LEU A 265 -2.87 -9.51 -2.04
N SER A 266 -2.44 -10.71 -1.69
CA SER A 266 -2.91 -11.35 -0.46
C SER A 266 -1.82 -12.28 0.04
N LYS A 267 -1.75 -12.46 1.35
CA LYS A 267 -0.74 -13.36 1.89
C LYS A 267 -1.36 -14.74 2.13
N PHE A 268 -2.54 -14.97 1.55
CA PHE A 268 -3.21 -16.26 1.66
C PHE A 268 -2.65 -17.14 0.54
N ASN A 269 -2.49 -18.42 0.82
CA ASN A 269 -1.95 -19.34 -0.18
C ASN A 269 -2.96 -20.43 -0.50
N LEU A 270 -4.15 -20.05 -0.91
CA LEU A 270 -5.20 -21.03 -1.20
C LEU A 270 -5.14 -21.63 -2.59
N SER A 271 -5.87 -22.73 -2.76
CA SER A 271 -5.93 -23.41 -4.05
C SER A 271 -7.31 -23.16 -4.67
N ASN A 272 -7.42 -23.51 -5.96
CA ASN A 272 -8.65 -23.41 -6.75
C ASN A 272 -9.77 -24.23 -6.14
N VAL A 273 -9.42 -25.47 -5.83
CA VAL A 273 -10.34 -26.45 -5.28
C VAL A 273 -10.86 -26.05 -3.92
N ALA A 274 -10.02 -25.43 -3.10
CA ALA A 274 -10.48 -24.99 -1.78
C ALA A 274 -11.47 -23.85 -2.00
N PHE A 275 -11.18 -23.02 -3.00
CA PHE A 275 -12.02 -21.89 -3.33
C PHE A 275 -13.41 -22.40 -3.73
N LEU A 276 -13.45 -23.38 -4.62
CA LEU A 276 -14.70 -23.98 -5.08
C LEU A 276 -15.44 -24.63 -3.92
N LYS A 277 -14.68 -25.36 -3.10
CA LYS A 277 -15.24 -26.04 -1.95
C LYS A 277 -15.94 -25.02 -1.06
N ALA A 278 -15.26 -23.90 -0.81
CA ALA A 278 -15.84 -22.85 0.03
C ALA A 278 -17.19 -22.44 -0.55
N PHE A 279 -17.21 -22.26 -1.86
CA PHE A 279 -18.42 -21.88 -2.57
C PHE A 279 -19.52 -22.92 -2.32
N ASN A 280 -19.18 -24.20 -2.44
CA ASN A 280 -20.18 -25.24 -2.22
C ASN A 280 -20.61 -25.36 -0.76
N ILE A 281 -19.72 -24.99 0.15
CA ILE A 281 -20.07 -25.06 1.56
C ILE A 281 -21.15 -24.03 1.89
N VAL A 282 -20.99 -22.82 1.37
CA VAL A 282 -21.97 -21.77 1.60
C VAL A 282 -23.34 -22.21 1.08
N ARG A 283 -23.35 -22.81 -0.11
CA ARG A 283 -24.59 -23.26 -0.72
C ARG A 283 -25.23 -24.42 0.05
N GLU A 284 -24.40 -25.26 0.65
CA GLU A 284 -24.91 -26.39 1.42
C GLU A 284 -25.62 -25.85 2.66
N VAL A 285 -25.08 -24.78 3.23
CA VAL A 285 -25.66 -24.19 4.43
C VAL A 285 -26.85 -23.27 4.20
N PHE A 286 -26.77 -22.42 3.18
CA PHE A 286 -27.84 -21.46 2.93
C PHE A 286 -28.61 -21.58 1.61
N GLY A 287 -28.35 -22.65 0.84
CA GLY A 287 -29.04 -22.81 -0.42
C GLY A 287 -28.50 -21.85 -1.47
N GLU A 288 -29.30 -21.57 -2.50
CA GLU A 288 -28.90 -20.67 -3.58
C GLU A 288 -29.00 -19.19 -3.20
N GLY A 289 -28.02 -18.40 -3.62
CA GLY A 289 -28.03 -16.98 -3.33
C GLY A 289 -27.66 -16.20 -4.58
N VAL A 290 -27.19 -14.97 -4.39
CA VAL A 290 -26.78 -14.12 -5.51
C VAL A 290 -25.26 -14.12 -5.47
N TYR A 291 -24.63 -14.51 -6.58
CA TYR A 291 -23.17 -14.60 -6.62
C TYR A 291 -22.48 -13.44 -7.33
N LEU A 292 -21.49 -12.85 -6.68
CA LEU A 292 -20.75 -11.71 -7.22
C LEU A 292 -19.26 -12.00 -7.31
N GLY A 293 -18.56 -11.24 -8.16
CA GLY A 293 -17.13 -11.40 -8.31
C GLY A 293 -16.42 -10.68 -7.18
N GLY A 294 -15.24 -10.15 -7.45
CA GLY A 294 -14.50 -9.42 -6.42
C GLY A 294 -13.05 -9.24 -6.79
N GLY A 295 -12.24 -8.76 -5.85
CA GLY A 295 -10.83 -8.54 -6.11
C GLY A 295 -10.12 -9.77 -6.67
N GLY A 296 -9.28 -9.54 -7.66
CA GLY A 296 -8.52 -10.62 -8.30
C GLY A 296 -7.58 -9.96 -9.28
N TYR A 297 -6.28 -10.18 -9.12
CA TYR A 297 -5.32 -9.51 -9.98
C TYR A 297 -4.40 -10.38 -10.81
N HIS A 298 -4.56 -11.71 -10.70
CA HIS A 298 -3.77 -12.61 -11.51
C HIS A 298 -4.75 -13.16 -12.55
N PRO A 299 -4.55 -12.78 -13.83
CA PRO A 299 -5.42 -13.21 -14.93
C PRO A 299 -5.65 -14.71 -15.04
N TYR A 300 -4.60 -15.52 -14.88
CA TYR A 300 -4.77 -16.96 -14.99
C TYR A 300 -5.54 -17.51 -13.80
N ALA A 301 -5.18 -17.05 -12.60
CA ALA A 301 -5.86 -17.51 -11.39
C ALA A 301 -7.34 -17.19 -11.46
N LEU A 302 -7.64 -15.96 -11.87
CA LEU A 302 -9.01 -15.51 -11.98
C LEU A 302 -9.81 -16.29 -13.02
N ALA A 303 -9.23 -16.53 -14.18
CA ALA A 303 -9.91 -17.26 -15.24
C ALA A 303 -10.23 -18.69 -14.84
N ARG A 304 -9.25 -19.38 -14.27
CA ARG A 304 -9.45 -20.77 -13.87
C ARG A 304 -10.40 -20.89 -12.71
N ALA A 305 -10.22 -20.06 -11.68
CA ALA A 305 -11.08 -20.12 -10.50
C ALA A 305 -12.55 -19.89 -10.82
N TRP A 306 -12.85 -18.81 -11.53
CA TRP A 306 -14.25 -18.55 -11.85
C TRP A 306 -14.82 -19.56 -12.85
N THR A 307 -13.95 -20.20 -13.62
CA THR A 307 -14.44 -21.22 -14.55
C THR A 307 -14.96 -22.40 -13.72
N LEU A 308 -14.28 -22.68 -12.60
CA LEU A 308 -14.70 -23.77 -11.73
C LEU A 308 -16.08 -23.41 -11.18
N ILE A 309 -16.22 -22.18 -10.70
CA ILE A 309 -17.49 -21.71 -10.16
C ILE A 309 -18.59 -21.86 -11.20
N TRP A 310 -18.34 -21.40 -12.42
CA TRP A 310 -19.34 -21.49 -13.47
C TRP A 310 -19.74 -22.93 -13.81
N CYS A 311 -18.77 -23.85 -13.82
CA CYS A 311 -19.10 -25.25 -14.11
C CYS A 311 -19.99 -25.85 -13.01
N GLU A 312 -19.71 -25.49 -11.76
CA GLU A 312 -20.49 -25.98 -10.63
C GLU A 312 -21.95 -25.56 -10.83
N LEU A 313 -22.17 -24.27 -11.02
CA LEU A 313 -23.51 -23.74 -11.22
C LEU A 313 -24.18 -24.28 -12.47
N SER A 314 -23.42 -24.33 -13.56
CA SER A 314 -23.91 -24.79 -14.85
C SER A 314 -24.18 -26.29 -14.88
N GLY A 315 -23.70 -27.00 -13.87
CA GLY A 315 -23.90 -28.44 -13.84
C GLY A 315 -23.06 -29.20 -14.85
N ARG A 316 -21.92 -28.64 -15.25
CA ARG A 316 -21.09 -29.35 -16.21
C ARG A 316 -19.75 -29.78 -15.63
N GLU A 317 -19.21 -30.87 -16.17
CA GLU A 317 -17.94 -31.41 -15.70
C GLU A 317 -16.78 -30.47 -15.98
N VAL A 318 -15.86 -30.40 -15.05
CA VAL A 318 -14.70 -29.54 -15.23
C VAL A 318 -13.65 -30.30 -16.04
N PRO A 319 -13.33 -29.82 -17.24
CA PRO A 319 -12.32 -30.49 -18.06
C PRO A 319 -10.97 -30.48 -17.34
N GLU A 320 -10.24 -31.58 -17.40
CA GLU A 320 -8.95 -31.69 -16.74
C GLU A 320 -7.94 -30.64 -17.18
N LYS A 321 -7.81 -30.47 -18.49
CA LYS A 321 -6.83 -29.52 -19.02
C LYS A 321 -7.40 -28.44 -19.91
N LEU A 322 -6.60 -27.41 -20.12
CA LEU A 322 -7.01 -26.31 -20.98
C LEU A 322 -6.71 -26.77 -22.40
N ASN A 323 -7.61 -26.49 -23.34
CA ASN A 323 -7.34 -26.86 -24.70
C ASN A 323 -6.35 -25.83 -25.26
N ASN A 324 -5.88 -26.05 -26.47
CA ASN A 324 -4.91 -25.13 -27.04
C ASN A 324 -5.44 -23.72 -27.24
N LYS A 325 -6.72 -23.58 -27.58
CA LYS A 325 -7.33 -22.28 -27.79
C LYS A 325 -7.28 -21.45 -26.51
N ALA A 326 -7.49 -22.10 -25.38
CA ALA A 326 -7.47 -21.43 -24.09
C ALA A 326 -6.05 -21.03 -23.71
N LYS A 327 -5.08 -21.91 -24.00
CA LYS A 327 -3.69 -21.63 -23.66
C LYS A 327 -3.23 -20.37 -24.37
N GLU A 328 -3.51 -20.29 -25.67
CA GLU A 328 -3.12 -19.13 -26.45
C GLU A 328 -3.82 -17.87 -25.96
N LEU A 329 -5.04 -18.01 -25.47
CA LEU A 329 -5.78 -16.87 -24.96
C LEU A 329 -5.00 -16.29 -23.78
N LEU A 330 -4.78 -17.12 -22.76
CA LEU A 330 -4.05 -16.67 -21.58
C LEU A 330 -2.66 -16.15 -21.93
N LYS A 331 -1.96 -16.84 -22.82
CA LYS A 331 -0.62 -16.42 -23.22
C LYS A 331 -0.61 -15.07 -23.92
N SER A 332 -1.66 -14.77 -24.68
CA SER A 332 -1.73 -13.51 -25.41
C SER A 332 -2.02 -12.32 -24.51
N ILE A 333 -2.27 -12.57 -23.23
CA ILE A 333 -2.58 -11.48 -22.30
C ILE A 333 -1.38 -10.62 -21.93
N ASP A 334 -1.67 -9.36 -21.65
CA ASP A 334 -0.68 -8.37 -21.24
C ASP A 334 -0.48 -8.46 -19.73
N PHE A 335 0.17 -9.53 -19.28
CA PHE A 335 0.35 -9.72 -17.83
C PHE A 335 1.73 -9.46 -17.24
N GLU A 336 2.53 -10.52 -17.07
CA GLU A 336 3.88 -10.46 -16.50
C GLU A 336 3.84 -10.68 -14.99
N GLU A 337 4.42 -11.79 -14.57
CA GLU A 337 4.45 -12.19 -13.17
C GLU A 337 5.23 -11.16 -12.33
N PHE A 338 4.69 -10.78 -11.18
CA PHE A 338 5.33 -9.80 -10.31
C PHE A 338 6.72 -10.29 -9.88
N ASP A 339 6.87 -11.60 -9.77
CA ASP A 339 8.13 -12.19 -9.37
C ASP A 339 8.74 -13.01 -10.50
N ASP A 340 9.92 -12.62 -10.93
CA ASP A 340 10.65 -13.26 -12.02
C ASP A 340 10.67 -14.79 -11.93
N GLU A 341 11.19 -15.30 -10.82
CA GLU A 341 11.28 -16.74 -10.63
C GLU A 341 10.14 -17.28 -9.78
N VAL A 342 9.08 -17.76 -10.42
CA VAL A 342 7.94 -18.29 -9.69
C VAL A 342 7.51 -19.64 -10.26
N ASP A 343 7.47 -19.71 -11.58
CA ASP A 343 7.03 -20.93 -12.26
C ASP A 343 5.55 -21.14 -12.05
N ARG A 344 4.75 -20.61 -12.97
CA ARG A 344 3.31 -20.75 -12.91
C ARG A 344 2.84 -21.47 -14.16
N SER A 345 3.76 -22.16 -14.81
CA SER A 345 3.46 -22.88 -16.04
C SER A 345 2.29 -23.85 -15.90
N TYR A 346 2.14 -24.46 -14.74
CA TYR A 346 1.05 -25.41 -14.53
C TYR A 346 -0.31 -24.77 -14.75
N MET A 347 -0.41 -23.46 -14.56
CA MET A 347 -1.67 -22.77 -14.73
C MET A 347 -2.15 -22.76 -16.19
N LEU A 348 -1.22 -22.93 -17.13
CA LEU A 348 -1.60 -22.95 -18.54
C LEU A 348 -1.84 -24.37 -19.01
N GLU A 349 -1.76 -25.31 -18.07
CA GLU A 349 -1.96 -26.73 -18.39
C GLU A 349 -3.28 -27.27 -17.91
N THR A 350 -3.49 -27.23 -16.59
CA THR A 350 -4.72 -27.76 -16.00
C THR A 350 -5.57 -26.69 -15.30
N LEU A 351 -6.87 -26.92 -15.29
CA LEU A 351 -7.82 -26.01 -14.65
C LEU A 351 -7.76 -26.02 -13.14
N LYS A 352 -7.73 -27.22 -12.57
CA LYS A 352 -7.70 -27.35 -11.12
C LYS A 352 -6.28 -27.49 -10.60
N ASP A 353 -5.96 -26.70 -9.59
CA ASP A 353 -4.64 -26.78 -9.00
C ASP A 353 -4.69 -27.81 -7.89
N PRO A 354 -3.52 -28.22 -7.37
CA PRO A 354 -3.45 -29.21 -6.31
C PRO A 354 -3.98 -28.61 -5.02
N TRP A 355 -4.39 -29.45 -4.09
CA TRP A 355 -4.88 -28.95 -2.82
C TRP A 355 -3.65 -28.41 -2.09
N ARG A 356 -3.85 -27.35 -1.32
CA ARG A 356 -2.75 -26.73 -0.57
C ARG A 356 -3.16 -26.70 0.89
N GLY A 357 -3.09 -27.87 1.53
CA GLY A 357 -3.47 -27.97 2.92
C GLY A 357 -2.38 -27.83 3.97
N GLY A 358 -2.62 -28.42 5.13
CA GLY A 358 -1.69 -28.37 6.24
C GLY A 358 -2.53 -28.38 7.49
N GLU A 359 -1.92 -28.18 8.65
CA GLU A 359 -2.67 -28.18 9.90
C GLU A 359 -3.35 -26.83 10.07
N VAL A 360 -4.30 -26.76 10.99
CA VAL A 360 -5.00 -25.52 11.26
C VAL A 360 -4.32 -24.92 12.46
N ARG A 361 -3.62 -23.80 12.25
CA ARG A 361 -2.92 -23.12 13.33
C ARG A 361 -3.80 -22.78 14.51
N LYS A 362 -3.18 -22.77 15.68
CA LYS A 362 -3.84 -22.48 16.93
C LYS A 362 -4.48 -21.09 16.94
N GLU A 363 -3.77 -20.10 16.42
CA GLU A 363 -4.33 -18.75 16.40
C GLU A 363 -5.63 -18.70 15.62
N VAL A 364 -5.71 -19.48 14.55
CA VAL A 364 -6.94 -19.51 13.75
C VAL A 364 -8.08 -20.08 14.60
N LYS A 365 -7.80 -21.15 15.35
CA LYS A 365 -8.80 -21.76 16.21
C LYS A 365 -9.21 -20.78 17.30
N ASP A 366 -8.24 -20.09 17.87
CA ASP A 366 -8.54 -19.13 18.92
C ASP A 366 -9.42 -17.99 18.39
N THR A 367 -9.14 -17.53 17.17
CA THR A 367 -9.94 -16.45 16.59
C THR A 367 -11.42 -16.87 16.47
N LEU A 368 -11.66 -18.03 15.87
CA LEU A 368 -13.02 -18.52 15.74
C LEU A 368 -13.64 -18.72 17.11
N GLU A 369 -12.83 -19.12 18.07
CA GLU A 369 -13.30 -19.29 19.44
C GLU A 369 -13.87 -17.99 19.96
N LYS A 370 -13.07 -16.92 19.90
CA LYS A 370 -13.54 -15.64 20.36
C LYS A 370 -14.74 -15.18 19.56
N ALA A 371 -14.72 -15.45 18.26
CA ALA A 371 -15.83 -15.04 17.41
C ALA A 371 -17.15 -15.58 17.95
N LYS A 372 -17.16 -16.85 18.34
CA LYS A 372 -18.36 -17.51 18.85
C LYS A 372 -18.88 -16.78 20.09
N ALA A 373 -18.10 -15.89 20.66
CA ALA A 373 -18.51 -15.13 21.84
C ALA A 373 -18.86 -13.69 21.50
N LYS B 2 36.29 21.74 12.20
CA LYS B 2 34.96 21.25 11.73
C LYS B 2 34.49 20.08 12.57
N LYS B 3 33.99 20.39 13.76
CA LYS B 3 33.51 19.36 14.67
C LYS B 3 32.34 18.54 14.11
N VAL B 4 32.26 17.28 14.55
CA VAL B 4 31.23 16.37 14.11
C VAL B 4 30.18 16.16 15.19
N LYS B 5 28.94 16.51 14.89
CA LYS B 5 27.86 16.40 15.87
C LYS B 5 26.71 15.51 15.42
N LEU B 6 26.00 14.99 16.41
CA LEU B 6 24.83 14.15 16.16
C LEU B 6 23.68 14.85 16.88
N ILE B 7 22.61 15.12 16.15
CA ILE B 7 21.46 15.79 16.75
C ILE B 7 20.40 14.75 17.07
N GLY B 8 19.96 14.70 18.32
CA GLY B 8 18.95 13.73 18.70
C GLY B 8 18.58 13.80 20.17
N THR B 9 17.76 12.85 20.59
CA THR B 9 17.29 12.77 21.97
C THR B 9 16.55 11.46 22.16
N LEU B 10 16.51 10.96 23.38
CA LEU B 10 15.80 9.73 23.68
C LEU B 10 14.29 9.99 23.66
N ASP B 11 13.90 11.25 23.83
CA ASP B 11 12.48 11.60 23.85
C ASP B 11 11.67 11.04 22.68
N TYR B 12 12.31 10.87 21.52
CA TYR B 12 11.60 10.33 20.37
C TYR B 12 10.96 8.98 20.72
N GLY B 13 11.51 8.31 21.73
CA GLY B 13 10.98 7.01 22.13
C GLY B 13 9.56 7.10 22.67
N LYS B 14 9.12 8.32 22.96
CA LYS B 14 7.78 8.56 23.48
C LYS B 14 6.81 9.03 22.40
N TYR B 15 7.30 9.11 21.17
CA TYR B 15 6.47 9.57 20.05
C TYR B 15 6.38 8.55 18.91
N ARG B 16 6.18 7.28 19.28
CA ARG B 16 6.08 6.20 18.29
C ARG B 16 4.74 6.30 17.56
N TYR B 17 4.66 5.66 16.39
CA TYR B 17 3.42 5.64 15.65
C TYR B 17 2.59 4.51 16.28
N PRO B 18 1.27 4.49 16.04
CA PRO B 18 0.37 3.47 16.59
C PRO B 18 0.75 2.00 16.39
N LYS B 19 0.28 1.17 17.30
CA LYS B 19 0.51 -0.27 17.36
C LYS B 19 0.88 -1.10 16.12
N ASN B 20 0.11 -0.98 15.04
CA ASN B 20 0.41 -1.79 13.85
C ASN B 20 1.16 -1.03 12.74
N HIS B 21 1.41 0.26 12.96
CA HIS B 21 2.10 1.09 11.98
C HIS B 21 3.57 0.69 11.85
N PRO B 22 4.11 0.70 10.62
CA PRO B 22 5.51 0.33 10.42
C PRO B 22 6.46 1.13 11.31
N LEU B 23 6.09 2.36 11.64
CA LEU B 23 6.95 3.22 12.47
C LEU B 23 6.69 3.16 13.98
N LYS B 24 6.16 2.05 14.49
CA LYS B 24 5.93 1.99 15.93
C LYS B 24 7.20 1.55 16.65
N ILE B 25 8.19 1.09 15.88
CA ILE B 25 9.46 0.64 16.46
C ILE B 25 10.32 1.83 16.87
N PRO B 26 11.22 1.62 17.84
CA PRO B 26 12.12 2.68 18.30
C PRO B 26 13.08 2.89 17.14
N ARG B 27 13.52 4.12 16.92
CA ARG B 27 14.45 4.38 15.83
C ARG B 27 15.61 5.28 16.25
N VAL B 28 15.39 6.58 16.31
CA VAL B 28 16.49 7.46 16.71
C VAL B 28 16.90 7.16 18.15
N SER B 29 15.93 6.91 19.02
CA SER B 29 16.25 6.61 20.41
C SER B 29 17.02 5.29 20.44
N LEU B 30 16.72 4.40 19.49
CA LEU B 30 17.40 3.11 19.43
C LEU B 30 18.84 3.38 19.02
N LEU B 31 18.99 4.22 18.00
CA LEU B 31 20.32 4.57 17.48
C LEU B 31 21.18 5.06 18.64
N LEU B 32 20.66 6.03 19.39
CA LEU B 32 21.40 6.60 20.52
C LEU B 32 21.82 5.54 21.55
N ARG B 33 20.88 4.71 21.99
CA ARG B 33 21.19 3.68 22.97
C ARG B 33 22.17 2.65 22.41
N PHE B 34 22.05 2.37 21.12
CA PHE B 34 22.92 1.40 20.47
C PHE B 34 24.35 1.92 20.47
N LYS B 35 24.53 3.14 20.00
CA LYS B 35 25.87 3.72 19.96
C LYS B 35 26.46 3.77 21.36
N ASP B 36 25.63 4.14 22.34
CA ASP B 36 26.11 4.23 23.70
C ASP B 36 26.54 2.87 24.22
N ALA B 37 25.79 1.83 23.86
CA ALA B 37 26.12 0.48 24.30
C ALA B 37 27.44 0.03 23.66
N MET B 38 27.74 0.55 22.48
CA MET B 38 28.96 0.21 21.76
C MET B 38 30.09 1.20 22.09
N ASN B 39 29.80 2.18 22.95
CA ASN B 39 30.79 3.19 23.31
C ASN B 39 31.29 3.90 22.05
N LEU B 40 30.37 4.25 21.17
CA LEU B 40 30.73 4.92 19.93
C LEU B 40 30.31 6.38 19.85
N ILE B 41 30.02 6.99 20.99
CA ILE B 41 29.63 8.40 21.03
C ILE B 41 29.83 8.99 22.41
N ASP B 42 30.23 10.26 22.45
CA ASP B 42 30.44 10.94 23.73
C ASP B 42 29.39 12.02 23.86
N GLU B 43 28.98 12.28 25.10
CA GLU B 43 27.96 13.28 25.39
C GLU B 43 28.25 14.60 24.69
N LYS B 44 29.53 14.91 24.50
CA LYS B 44 29.96 16.15 23.86
C LYS B 44 29.66 16.23 22.36
N GLU B 45 29.50 15.08 21.72
CA GLU B 45 29.22 15.05 20.29
C GLU B 45 27.72 15.12 20.03
N LEU B 46 26.94 14.96 21.10
CA LEU B 46 25.49 14.96 20.97
C LEU B 46 24.81 16.30 21.26
N ILE B 47 23.97 16.75 20.34
CA ILE B 47 23.23 17.99 20.48
C ILE B 47 21.77 17.64 20.70
N LYS B 48 21.19 18.11 21.79
CA LYS B 48 19.80 17.80 22.10
C LYS B 48 18.86 18.47 21.09
N SER B 49 17.97 17.67 20.53
CA SER B 49 17.00 18.14 19.55
C SER B 49 16.08 19.20 20.17
N ARG B 50 15.67 20.18 19.38
CA ARG B 50 14.74 21.20 19.85
C ARG B 50 13.57 21.20 18.89
N PRO B 51 12.40 21.65 19.35
CA PRO B 51 11.25 21.68 18.45
C PRO B 51 11.50 22.80 17.43
N ALA B 52 10.82 22.75 16.30
CA ALA B 52 10.98 23.80 15.31
C ALA B 52 10.09 24.92 15.83
N THR B 53 10.37 26.16 15.43
CA THR B 53 9.52 27.26 15.85
C THR B 53 8.38 27.31 14.84
N LYS B 54 7.29 27.99 15.19
CA LYS B 54 6.17 28.09 14.29
C LYS B 54 6.64 28.81 13.03
N GLU B 55 7.51 29.79 13.20
CA GLU B 55 8.07 30.55 12.09
C GLU B 55 8.82 29.64 11.11
N GLU B 56 9.67 28.77 11.63
CA GLU B 56 10.42 27.85 10.77
C GLU B 56 9.46 26.95 9.99
N LEU B 57 8.43 26.44 10.67
CA LEU B 57 7.46 25.58 10.01
C LEU B 57 6.75 26.31 8.89
N LEU B 58 6.41 27.57 9.14
CA LEU B 58 5.71 28.38 8.15
C LEU B 58 6.57 28.72 6.94
N LEU B 59 7.84 28.35 6.99
CA LEU B 59 8.72 28.58 5.85
C LEU B 59 8.21 27.72 4.70
N PHE B 60 7.52 26.62 5.04
CA PHE B 60 6.98 25.73 3.99
C PHE B 60 5.51 25.42 4.10
N HIS B 61 5.07 24.97 5.27
CA HIS B 61 3.67 24.62 5.46
C HIS B 61 2.75 25.80 5.76
N THR B 62 1.46 25.61 5.54
CA THR B 62 0.49 26.67 5.80
C THR B 62 0.02 26.68 7.25
N GLU B 63 -0.42 27.84 7.71
CA GLU B 63 -0.91 28.04 9.06
C GLU B 63 -2.01 27.04 9.41
N ASP B 64 -2.98 26.93 8.53
CA ASP B 64 -4.13 26.04 8.69
C ASP B 64 -3.73 24.59 8.90
N TYR B 65 -2.81 24.11 8.08
CA TYR B 65 -2.35 22.74 8.21
C TYR B 65 -1.65 22.56 9.56
N ILE B 66 -0.69 23.44 9.86
CA ILE B 66 0.03 23.35 11.11
C ILE B 66 -0.94 23.39 12.28
N ASN B 67 -1.85 24.36 12.27
CA ASN B 67 -2.81 24.45 13.37
C ASN B 67 -3.65 23.18 13.47
N THR B 68 -3.96 22.56 12.34
CA THR B 68 -4.75 21.34 12.37
C THR B 68 -3.96 20.21 13.03
N LEU B 69 -2.68 20.10 12.70
CA LEU B 69 -1.83 19.07 13.30
C LEU B 69 -1.79 19.24 14.80
N MET B 70 -1.57 20.47 15.26
CA MET B 70 -1.50 20.76 16.69
C MET B 70 -2.83 20.43 17.39
N GLU B 71 -3.94 20.83 16.79
CA GLU B 71 -5.25 20.57 17.38
C GLU B 71 -5.55 19.08 17.40
N ALA B 72 -5.23 18.41 16.30
CA ALA B 72 -5.47 16.97 16.21
C ALA B 72 -4.70 16.24 17.31
N GLU B 73 -3.45 16.65 17.55
CA GLU B 73 -2.65 15.98 18.56
C GLU B 73 -3.10 16.28 19.99
N ARG B 74 -3.40 17.53 20.30
CA ARG B 74 -3.80 17.84 21.67
C ARG B 74 -5.11 17.14 22.01
N SER B 75 -6.08 17.15 21.08
CA SER B 75 -7.38 16.52 21.31
C SER B 75 -7.31 15.03 21.03
N GLN B 76 -6.20 14.60 20.45
CA GLN B 76 -5.99 13.20 20.09
C GLN B 76 -7.20 12.72 19.27
N SER B 77 -7.66 13.56 18.35
CA SER B 77 -8.79 13.24 17.50
C SER B 77 -8.66 13.96 16.18
N VAL B 78 -9.40 13.49 15.18
CA VAL B 78 -9.37 14.11 13.87
C VAL B 78 -10.43 15.18 13.73
N PRO B 79 -10.01 16.45 13.66
CA PRO B 79 -10.92 17.58 13.52
C PRO B 79 -11.83 17.42 12.30
N LYS B 80 -13.04 17.98 12.39
CA LYS B 80 -14.04 17.92 11.33
C LYS B 80 -13.45 18.18 9.93
N GLY B 81 -13.67 17.23 9.03
CA GLY B 81 -13.19 17.36 7.67
C GLY B 81 -11.68 17.35 7.46
N ALA B 82 -10.93 17.31 8.55
CA ALA B 82 -9.48 17.31 8.45
C ALA B 82 -8.93 16.04 7.79
N ARG B 83 -9.61 14.93 8.00
CA ARG B 83 -9.18 13.66 7.44
C ARG B 83 -9.04 13.70 5.93
N GLU B 84 -10.04 14.28 5.27
CA GLU B 84 -10.05 14.39 3.81
C GLU B 84 -9.32 15.61 3.28
N LYS B 85 -9.30 16.68 4.06
CA LYS B 85 -8.63 17.90 3.60
C LYS B 85 -7.12 17.88 3.88
N TYR B 86 -6.75 17.27 5.01
CA TYR B 86 -5.36 17.22 5.42
C TYR B 86 -4.74 15.82 5.40
N ASN B 87 -5.55 14.83 5.04
CA ASN B 87 -5.09 13.45 4.93
C ASN B 87 -4.48 12.86 6.20
N ILE B 88 -5.04 13.26 7.33
CA ILE B 88 -4.63 12.78 8.64
C ILE B 88 -5.74 11.93 9.27
N GLY B 89 -5.36 10.95 10.08
CA GLY B 89 -6.35 10.11 10.74
C GLY B 89 -6.49 8.70 10.18
N GLY B 90 -6.01 8.49 8.97
CA GLY B 90 -6.10 7.17 8.36
C GLY B 90 -4.98 6.28 8.88
N TYR B 91 -4.79 5.12 8.26
CA TYR B 91 -3.74 4.21 8.71
C TYR B 91 -2.37 4.72 8.33
N GLU B 92 -2.29 5.52 7.29
CA GLU B 92 -1.01 6.04 6.80
C GLU B 92 -0.43 7.14 7.68
N ASN B 93 -1.24 8.15 7.98
CA ASN B 93 -0.81 9.28 8.78
C ASN B 93 -1.81 9.45 9.91
N PRO B 94 -1.79 8.51 10.87
CA PRO B 94 -2.69 8.49 12.04
C PRO B 94 -2.47 9.55 13.10
N VAL B 95 -3.41 9.60 14.03
CA VAL B 95 -3.32 10.51 15.16
C VAL B 95 -2.34 9.88 16.14
N SER B 96 -1.47 10.69 16.73
CA SER B 96 -0.50 10.22 17.72
C SER B 96 0.27 11.45 18.18
N TYR B 97 1.33 11.24 18.95
CA TYR B 97 2.14 12.37 19.41
C TYR B 97 3.36 12.56 18.51
N ALA B 98 3.35 11.84 17.39
CA ALA B 98 4.44 11.97 16.42
C ALA B 98 3.97 12.97 15.39
N MET B 99 2.65 13.04 15.18
CA MET B 99 2.05 13.92 14.18
C MET B 99 2.49 15.38 14.30
N PHE B 100 2.70 15.86 15.53
CA PHE B 100 3.18 17.23 15.69
C PHE B 100 4.41 17.37 16.60
N THR B 101 4.33 16.87 17.83
CA THR B 101 5.47 16.99 18.75
C THR B 101 6.71 16.28 18.21
N GLY B 102 6.56 15.02 17.82
CA GLY B 102 7.67 14.28 17.27
C GLY B 102 8.18 14.91 15.98
N SER B 103 7.27 15.17 15.05
CA SER B 103 7.62 15.78 13.76
C SER B 103 8.31 17.12 13.94
N SER B 104 7.78 17.96 14.83
CA SER B 104 8.37 19.27 15.10
C SER B 104 9.78 19.14 15.64
N LEU B 105 10.01 18.13 16.47
CA LEU B 105 11.32 17.90 17.06
C LEU B 105 12.31 17.44 15.96
N ALA B 106 11.82 16.59 15.06
CA ALA B 106 12.65 16.10 13.96
C ALA B 106 12.96 17.22 12.98
N THR B 107 12.01 18.15 12.82
CA THR B 107 12.19 19.27 11.90
C THR B 107 13.13 20.30 12.51
N GLY B 108 12.96 20.57 13.81
CA GLY B 108 13.84 21.53 14.44
C GLY B 108 15.25 20.99 14.38
N SER B 109 15.38 19.67 14.48
CA SER B 109 16.70 19.05 14.45
C SER B 109 17.37 19.27 13.09
N THR B 110 16.56 19.35 12.04
CA THR B 110 17.12 19.59 10.71
C THR B 110 17.63 21.02 10.64
N VAL B 111 16.91 21.95 11.26
CA VAL B 111 17.36 23.34 11.27
C VAL B 111 18.67 23.43 12.07
N GLN B 112 18.78 22.65 13.15
CA GLN B 112 20.00 22.67 13.96
C GLN B 112 21.18 22.10 13.17
N ALA B 113 20.92 21.03 12.43
CA ALA B 113 21.97 20.41 11.64
C ALA B 113 22.48 21.47 10.67
N ILE B 114 21.55 22.25 10.12
CA ILE B 114 21.93 23.30 9.18
C ILE B 114 22.69 24.42 9.91
N GLU B 115 22.26 24.75 11.12
CA GLU B 115 22.93 25.81 11.86
C GLU B 115 24.40 25.41 12.10
N GLU B 116 24.62 24.13 12.40
CA GLU B 116 25.98 23.62 12.62
C GLU B 116 26.82 23.74 11.36
N PHE B 117 26.17 23.55 10.21
CA PHE B 117 26.87 23.65 8.94
C PHE B 117 27.37 25.07 8.78
N LEU B 118 26.50 26.03 9.08
CA LEU B 118 26.86 27.43 8.98
C LEU B 118 27.99 27.76 9.94
N LYS B 119 28.00 27.13 11.11
CA LYS B 119 29.06 27.38 12.08
C LYS B 119 30.35 26.65 11.71
N GLY B 120 30.33 25.98 10.57
CA GLY B 120 31.52 25.27 10.12
C GLY B 120 31.67 23.86 10.64
N ASN B 121 30.62 23.33 11.25
CA ASN B 121 30.69 21.96 11.74
C ASN B 121 29.91 21.06 10.81
N VAL B 122 29.88 19.77 11.13
CA VAL B 122 29.16 18.79 10.34
C VAL B 122 28.20 18.08 11.27
N ALA B 123 26.94 18.03 10.88
CA ALA B 123 25.94 17.39 11.72
C ALA B 123 25.07 16.38 10.98
N PHE B 124 24.55 15.42 11.74
CA PHE B 124 23.68 14.39 11.20
C PHE B 124 22.41 14.37 12.03
N ASN B 125 21.27 14.50 11.35
CA ASN B 125 19.97 14.45 12.01
C ASN B 125 19.20 13.25 11.51
N PRO B 126 19.38 12.09 12.16
CA PRO B 126 18.69 10.86 11.78
C PRO B 126 17.18 10.91 11.80
N ALA B 127 16.60 11.86 12.54
CA ALA B 127 15.15 11.97 12.61
C ALA B 127 14.55 12.70 11.41
N GLY B 128 15.39 13.43 10.67
CA GLY B 128 14.90 14.16 9.51
C GLY B 128 14.79 13.34 8.24
N GLY B 129 14.49 14.00 7.12
CA GLY B 129 14.37 13.29 5.86
C GLY B 129 12.94 12.85 5.56
N MET B 130 11.99 13.45 6.27
CA MET B 130 10.57 13.14 6.09
C MET B 130 10.17 13.79 4.76
N HIS B 131 10.57 13.15 3.67
CA HIS B 131 10.36 13.70 2.35
C HIS B 131 9.02 13.65 1.63
N HIS B 132 7.97 13.10 2.25
CA HIS B 132 6.68 13.01 1.57
C HIS B 132 5.62 14.11 1.79
N ALA B 133 5.65 14.76 2.95
CA ALA B 133 4.65 15.78 3.27
C ALA B 133 4.58 16.93 2.29
N PHE B 134 3.36 17.38 2.01
CA PHE B 134 3.17 18.51 1.11
C PHE B 134 2.90 19.77 1.92
N LYS B 135 2.90 20.89 1.23
CA LYS B 135 2.64 22.19 1.83
C LYS B 135 1.50 22.15 2.85
N SER B 136 0.37 21.55 2.48
CA SER B 136 -0.79 21.52 3.37
C SER B 136 -1.41 20.14 3.56
N ARG B 137 -0.60 19.08 3.47
CA ARG B 137 -1.19 17.77 3.62
C ARG B 137 -0.18 16.68 3.98
N ALA B 138 -0.59 15.77 4.86
CA ALA B 138 0.27 14.67 5.27
C ALA B 138 0.33 13.67 4.13
N ASN B 139 1.42 12.92 4.06
CA ASN B 139 1.59 11.94 2.99
C ASN B 139 2.71 10.95 3.32
N GLY B 140 2.49 9.69 2.96
CA GLY B 140 3.48 8.65 3.19
C GLY B 140 4.12 8.59 4.57
N PHE B 141 3.31 8.68 5.63
CA PHE B 141 3.79 8.63 7.02
C PHE B 141 4.37 9.98 7.46
N CYS B 142 4.53 10.92 6.53
CA CYS B 142 5.11 12.21 6.87
C CYS B 142 4.09 13.31 7.13
N TYR B 143 4.24 14.01 8.26
CA TYR B 143 3.34 15.11 8.59
C TYR B 143 4.02 16.44 8.25
N ILE B 144 5.31 16.54 8.54
CA ILE B 144 6.07 17.76 8.25
C ILE B 144 7.26 17.42 7.35
N ASN B 145 7.49 18.23 6.32
CA ASN B 145 8.59 17.98 5.38
C ASN B 145 9.81 18.79 5.84
N ASN B 146 10.62 18.21 6.70
CA ASN B 146 11.79 18.93 7.21
C ASN B 146 12.80 19.30 6.11
N PRO B 147 12.96 18.46 5.08
CA PRO B 147 13.92 18.85 4.03
C PRO B 147 13.46 20.16 3.37
N ALA B 148 12.15 20.28 3.13
CA ALA B 148 11.58 21.48 2.50
C ALA B 148 11.75 22.70 3.42
N VAL B 149 11.52 22.51 4.71
CA VAL B 149 11.69 23.57 5.69
C VAL B 149 13.14 24.00 5.71
N GLY B 150 14.05 23.01 5.77
CA GLY B 150 15.46 23.30 5.79
C GLY B 150 15.91 24.05 4.55
N ILE B 151 15.48 23.58 3.38
CA ILE B 151 15.87 24.22 2.14
C ILE B 151 15.35 25.66 2.10
N GLU B 152 14.10 25.89 2.51
CA GLU B 152 13.56 27.25 2.51
C GLU B 152 14.33 28.09 3.52
N TYR B 153 14.71 27.47 4.63
CA TYR B 153 15.50 28.16 5.65
C TYR B 153 16.78 28.68 5.00
N LEU B 154 17.43 27.81 4.23
CA LEU B 154 18.66 28.18 3.55
C LEU B 154 18.49 29.32 2.55
N ARG B 155 17.43 29.27 1.75
CA ARG B 155 17.18 30.33 0.77
C ARG B 155 17.05 31.67 1.47
N LYS B 156 16.33 31.69 2.58
CA LYS B 156 16.18 32.93 3.33
C LYS B 156 17.49 33.41 3.93
N LYS B 157 18.46 32.52 4.08
CA LYS B 157 19.77 32.90 4.60
C LYS B 157 20.63 33.43 3.48
N GLY B 158 20.08 33.45 2.26
CA GLY B 158 20.83 33.97 1.13
C GLY B 158 21.37 32.99 0.12
N PHE B 159 21.26 31.69 0.38
CA PHE B 159 21.76 30.70 -0.57
C PHE B 159 20.89 30.64 -1.82
N LYS B 160 21.54 30.52 -2.99
CA LYS B 160 20.84 30.48 -4.26
C LYS B 160 21.03 29.18 -5.05
N ARG B 161 21.95 28.33 -4.61
CA ARG B 161 22.17 27.06 -5.28
C ARG B 161 22.24 25.95 -4.23
N ILE B 162 21.10 25.31 -4.00
CA ILE B 162 20.99 24.26 -3.00
C ILE B 162 20.70 22.90 -3.66
N LEU B 163 21.50 21.91 -3.31
CA LEU B 163 21.34 20.56 -3.84
C LEU B 163 20.76 19.62 -2.79
N TYR B 164 19.80 18.80 -3.19
CA TYR B 164 19.18 17.83 -2.29
C TYR B 164 19.30 16.45 -2.93
N ILE B 165 19.99 15.55 -2.25
CA ILE B 165 20.18 14.19 -2.76
C ILE B 165 19.41 13.23 -1.85
N ASP B 166 18.53 12.41 -2.44
CA ASP B 166 17.69 11.49 -1.67
C ASP B 166 17.98 10.01 -1.96
N LEU B 167 18.64 9.33 -1.03
CA LEU B 167 18.99 7.93 -1.23
C LEU B 167 17.95 6.97 -0.67
N ASP B 168 16.88 7.51 -0.12
CA ASP B 168 15.78 6.71 0.42
C ASP B 168 15.24 5.88 -0.75
N ALA B 169 14.78 4.66 -0.48
CA ALA B 169 14.26 3.76 -1.53
C ALA B 169 12.95 4.25 -2.17
N HIS B 170 12.36 5.30 -1.61
CA HIS B 170 11.13 5.83 -2.18
C HIS B 170 11.34 7.25 -2.69
N HIS B 171 10.60 7.62 -3.72
CA HIS B 171 10.70 8.95 -4.30
C HIS B 171 10.22 10.06 -3.36
N CYS B 172 10.97 11.16 -3.32
CA CYS B 172 10.64 12.30 -2.50
C CYS B 172 9.61 13.22 -3.19
N ASP B 173 8.41 12.69 -3.43
CA ASP B 173 7.37 13.47 -4.10
C ASP B 173 7.09 14.83 -3.44
N GLY B 174 7.08 14.85 -2.11
CA GLY B 174 6.82 16.11 -1.42
C GLY B 174 7.90 17.16 -1.70
N VAL B 175 9.16 16.74 -1.65
CA VAL B 175 10.26 17.66 -1.91
C VAL B 175 10.30 18.07 -3.38
N GLN B 176 10.03 17.11 -4.27
CA GLN B 176 10.04 17.42 -5.69
C GLN B 176 9.02 18.50 -6.00
N GLU B 177 7.82 18.38 -5.45
CA GLU B 177 6.77 19.36 -5.70
C GLU B 177 7.15 20.73 -5.17
N ALA B 178 7.75 20.76 -3.98
CA ALA B 178 8.16 22.00 -3.34
C ALA B 178 9.10 22.85 -4.17
N PHE B 179 10.03 22.23 -4.88
CA PHE B 179 10.97 23.03 -5.67
C PHE B 179 10.98 22.68 -7.16
N TYR B 180 9.86 22.15 -7.64
CA TYR B 180 9.75 21.76 -9.04
C TYR B 180 9.88 22.94 -10.02
N ASP B 181 9.50 24.14 -9.57
CA ASP B 181 9.54 25.29 -10.48
C ASP B 181 10.66 26.30 -10.23
N THR B 182 11.68 25.91 -9.47
CA THR B 182 12.78 26.84 -9.22
C THR B 182 14.14 26.27 -9.59
N ASP B 183 15.02 27.14 -10.07
CA ASP B 183 16.37 26.72 -10.46
C ASP B 183 17.39 26.96 -9.35
N GLN B 184 16.92 27.43 -8.20
CA GLN B 184 17.82 27.68 -7.08
C GLN B 184 17.98 26.42 -6.25
N VAL B 185 17.15 25.41 -6.56
CA VAL B 185 17.20 24.14 -5.85
C VAL B 185 17.22 22.98 -6.82
N PHE B 186 18.22 22.11 -6.69
CA PHE B 186 18.31 20.93 -7.54
C PHE B 186 17.97 19.71 -6.69
N VAL B 187 17.05 18.88 -7.16
CA VAL B 187 16.67 17.67 -6.45
C VAL B 187 17.06 16.43 -7.26
N LEU B 188 17.85 15.56 -6.63
CA LEU B 188 18.28 14.31 -7.23
C LEU B 188 17.78 13.15 -6.36
N SER B 189 17.03 12.24 -6.96
CA SER B 189 16.51 11.13 -6.19
C SER B 189 16.64 9.77 -6.85
N LEU B 190 17.15 8.80 -6.10
CA LEU B 190 17.24 7.43 -6.59
C LEU B 190 16.16 6.75 -5.78
N HIS B 191 15.40 5.85 -6.40
CA HIS B 191 14.30 5.19 -5.70
C HIS B 191 13.73 4.05 -6.53
N GLN B 192 12.87 3.25 -5.90
CA GLN B 192 12.21 2.15 -6.58
C GLN B 192 11.28 2.80 -7.58
N SER B 193 11.24 2.28 -8.80
CA SER B 193 10.37 2.84 -9.82
C SER B 193 8.92 2.94 -9.32
N PRO B 194 8.26 4.08 -9.57
CA PRO B 194 6.87 4.30 -9.14
C PRO B 194 5.94 3.27 -9.78
N GLU B 195 6.43 2.56 -10.81
CA GLU B 195 5.61 1.56 -11.46
C GLU B 195 5.20 0.48 -10.50
N TYR B 196 6.06 0.17 -9.52
CA TYR B 196 5.72 -0.88 -8.56
C TYR B 196 5.84 -0.44 -7.11
N ALA B 197 6.25 0.79 -6.86
CA ALA B 197 6.39 1.22 -5.47
C ALA B 197 5.86 2.60 -5.14
N PHE B 198 5.57 2.79 -3.86
CA PHE B 198 5.08 4.07 -3.38
C PHE B 198 6.23 5.07 -3.58
N PRO B 199 5.92 6.28 -4.03
CA PRO B 199 4.59 6.77 -4.35
C PRO B 199 4.42 6.23 -5.77
N PHE B 200 3.20 5.99 -6.20
CA PHE B 200 3.05 5.42 -7.53
C PHE B 200 2.80 6.48 -8.61
N GLU B 201 2.37 7.66 -8.17
CA GLU B 201 2.02 8.76 -9.07
C GLU B 201 3.17 9.65 -9.55
N LYS B 202 4.27 9.65 -8.80
CA LYS B 202 5.41 10.46 -9.19
C LYS B 202 6.71 9.72 -9.00
N GLY B 203 7.78 10.26 -9.59
CA GLY B 203 9.07 9.62 -9.47
C GLY B 203 9.59 9.13 -10.82
N PHE B 204 8.85 9.39 -11.89
CA PHE B 204 9.28 8.94 -13.21
C PHE B 204 10.40 9.82 -13.76
N LEU B 205 11.19 9.24 -14.67
CA LEU B 205 12.31 9.95 -15.26
C LEU B 205 11.93 11.22 -16.03
N GLU B 206 10.73 11.22 -16.60
CA GLU B 206 10.25 12.36 -17.38
C GLU B 206 10.04 13.62 -16.56
N GLU B 207 9.82 13.46 -15.25
CA GLU B 207 9.59 14.60 -14.35
C GLU B 207 10.90 15.34 -14.10
N ILE B 208 11.20 16.30 -14.97
CA ILE B 208 12.45 17.04 -14.86
C ILE B 208 12.31 18.49 -14.36
N GLY B 209 11.10 18.89 -14.01
CA GLY B 209 10.89 20.25 -13.53
C GLY B 209 10.14 21.12 -14.53
N GLU B 210 9.66 22.26 -14.09
CA GLU B 210 8.91 23.16 -14.96
C GLU B 210 9.38 24.61 -14.77
N GLY B 211 9.10 25.45 -15.77
CA GLY B 211 9.49 26.85 -15.69
C GLY B 211 10.98 26.99 -15.50
N LYS B 212 11.39 27.90 -14.62
CA LYS B 212 12.80 28.11 -14.37
C LYS B 212 13.44 26.83 -13.81
N GLY B 213 12.62 25.99 -13.18
CA GLY B 213 13.12 24.75 -12.61
C GLY B 213 13.27 23.61 -13.60
N LYS B 214 12.91 23.85 -14.85
CA LYS B 214 13.00 22.82 -15.88
C LYS B 214 14.46 22.40 -16.00
N GLY B 215 14.74 21.13 -15.74
CA GLY B 215 16.10 20.64 -15.80
C GLY B 215 16.74 20.61 -14.43
N TYR B 216 16.01 21.01 -13.40
CA TYR B 216 16.56 21.02 -12.07
C TYR B 216 16.01 19.94 -11.13
N ASN B 217 15.36 18.94 -11.73
CA ASN B 217 14.83 17.81 -10.96
C ASN B 217 15.21 16.55 -11.74
N LEU B 218 15.83 15.60 -11.05
CA LEU B 218 16.26 14.36 -11.68
C LEU B 218 15.83 13.13 -10.89
N ASN B 219 15.01 12.28 -11.49
CA ASN B 219 14.54 11.05 -10.86
C ASN B 219 15.20 9.84 -11.50
N ILE B 220 15.78 8.97 -10.69
CA ILE B 220 16.41 7.76 -11.19
C ILE B 220 15.62 6.54 -10.72
N PRO B 221 14.57 6.14 -11.45
CA PRO B 221 13.76 4.98 -11.05
C PRO B 221 14.55 3.69 -11.26
N LEU B 222 14.55 2.81 -10.26
CA LEU B 222 15.30 1.57 -10.34
C LEU B 222 14.44 0.32 -10.17
N PRO B 223 14.85 -0.81 -10.77
CA PRO B 223 14.12 -2.09 -10.71
C PRO B 223 14.22 -2.84 -9.39
N LYS B 224 13.34 -3.83 -9.25
CA LYS B 224 13.25 -4.67 -8.07
C LYS B 224 14.50 -5.55 -7.99
N GLY B 225 14.83 -6.02 -6.79
CA GLY B 225 15.99 -6.88 -6.60
C GLY B 225 17.32 -6.18 -6.83
N LEU B 226 17.32 -4.86 -6.80
CA LEU B 226 18.54 -4.06 -7.02
C LEU B 226 19.72 -4.55 -6.16
N ASN B 227 20.90 -4.70 -6.75
CA ASN B 227 22.05 -5.14 -5.95
C ASN B 227 23.00 -3.96 -5.69
N ASP B 228 24.01 -4.16 -4.83
CA ASP B 228 24.92 -3.08 -4.49
C ASP B 228 25.63 -2.43 -5.67
N ASN B 229 26.05 -3.21 -6.64
CA ASN B 229 26.74 -2.69 -7.80
C ASN B 229 25.83 -1.79 -8.64
N GLU B 230 24.57 -2.18 -8.78
CA GLU B 230 23.62 -1.39 -9.56
C GLU B 230 23.34 -0.06 -8.85
N PHE B 231 23.20 -0.09 -7.53
CA PHE B 231 22.93 1.14 -6.77
C PHE B 231 24.07 2.15 -6.89
N LEU B 232 25.30 1.70 -6.67
CA LEU B 232 26.47 2.58 -6.75
C LEU B 232 26.71 3.06 -8.19
N PHE B 233 26.42 2.20 -9.16
CA PHE B 233 26.55 2.57 -10.57
C PHE B 233 25.57 3.73 -10.83
N ALA B 234 24.32 3.54 -10.42
CA ALA B 234 23.31 4.56 -10.61
C ALA B 234 23.70 5.84 -9.89
N LEU B 235 24.20 5.71 -8.65
CA LEU B 235 24.60 6.88 -7.89
C LEU B 235 25.72 7.64 -8.59
N GLU B 236 26.80 6.93 -8.93
CA GLU B 236 27.94 7.57 -9.58
C GLU B 236 27.58 8.27 -10.88
N LYS B 237 26.83 7.60 -11.74
CA LYS B 237 26.43 8.20 -13.01
C LYS B 237 25.56 9.44 -12.81
N SER B 238 24.53 9.33 -11.97
CA SER B 238 23.65 10.47 -11.74
C SER B 238 24.39 11.65 -11.12
N LEU B 239 25.35 11.38 -10.23
CA LEU B 239 26.10 12.46 -9.60
C LEU B 239 26.89 13.21 -10.67
N GLU B 240 27.45 12.47 -11.62
CA GLU B 240 28.21 13.07 -12.70
C GLU B 240 27.30 14.02 -13.48
N ILE B 241 26.06 13.60 -13.69
CA ILE B 241 25.08 14.42 -14.41
C ILE B 241 24.83 15.73 -13.66
N VAL B 242 24.67 15.65 -12.34
CA VAL B 242 24.40 16.84 -11.54
C VAL B 242 25.61 17.77 -11.55
N LYS B 243 26.79 17.21 -11.33
CA LYS B 243 28.03 17.97 -11.32
C LYS B 243 28.22 18.84 -12.55
N GLU B 244 27.76 18.34 -13.71
CA GLU B 244 27.94 19.07 -14.95
C GLU B 244 26.92 20.17 -15.24
N VAL B 245 25.90 20.29 -14.40
CA VAL B 245 24.89 21.32 -14.64
C VAL B 245 24.52 22.11 -13.38
N PHE B 246 25.10 21.78 -12.25
CA PHE B 246 24.76 22.49 -11.03
C PHE B 246 25.95 22.57 -10.06
N GLU B 247 26.31 23.79 -9.68
CA GLU B 247 27.41 24.03 -8.76
C GLU B 247 26.79 24.49 -7.45
N PRO B 248 26.46 23.54 -6.56
CA PRO B 248 25.84 23.81 -5.27
C PRO B 248 26.67 24.56 -4.25
N GLU B 249 26.05 25.51 -3.56
CA GLU B 249 26.73 26.27 -2.52
C GLU B 249 26.67 25.42 -1.26
N VAL B 250 25.66 24.55 -1.19
CA VAL B 250 25.45 23.68 -0.05
C VAL B 250 24.53 22.54 -0.48
N TYR B 251 24.59 21.41 0.21
CA TYR B 251 23.72 20.30 -0.13
C TYR B 251 23.26 19.52 1.08
N LEU B 252 22.10 18.89 0.95
CA LEU B 252 21.54 18.04 2.00
C LEU B 252 21.46 16.62 1.43
N LEU B 253 21.70 15.64 2.27
CA LEU B 253 21.69 14.24 1.85
C LEU B 253 20.75 13.43 2.75
N GLN B 254 19.71 12.85 2.19
CA GLN B 254 18.75 12.07 2.99
C GLN B 254 19.18 10.61 2.94
N LEU B 255 19.34 10.02 4.13
CA LEU B 255 19.86 8.67 4.26
C LEU B 255 18.95 7.61 4.85
N GLY B 256 17.74 7.48 4.31
CA GLY B 256 16.84 6.46 4.79
C GLY B 256 17.51 5.10 4.60
N THR B 257 17.28 4.20 5.54
CA THR B 257 17.91 2.89 5.44
C THR B 257 17.01 1.85 4.78
N ASP B 258 15.81 2.24 4.34
CA ASP B 258 14.92 1.24 3.74
C ASP B 258 15.41 0.54 2.47
N PRO B 259 16.43 1.07 1.78
CA PRO B 259 16.90 0.36 0.58
C PRO B 259 17.65 -0.95 0.92
N LEU B 260 17.91 -1.20 2.21
CA LEU B 260 18.63 -2.41 2.63
C LEU B 260 17.82 -3.70 2.44
N LEU B 261 18.52 -4.79 2.14
CA LEU B 261 17.91 -6.09 1.93
C LEU B 261 16.87 -6.46 2.98
N GLU B 262 17.26 -6.34 4.24
CA GLU B 262 16.43 -6.72 5.37
C GLU B 262 15.18 -5.87 5.61
N ASP B 263 15.04 -4.75 4.90
CA ASP B 263 13.87 -3.91 5.12
C ASP B 263 12.79 -4.30 4.10
N TYR B 264 11.64 -4.76 4.59
CA TYR B 264 10.55 -5.19 3.73
C TYR B 264 9.84 -4.12 2.92
N LEU B 265 10.00 -2.85 3.29
CA LEU B 265 9.31 -1.82 2.53
C LEU B 265 10.03 -1.36 1.26
N SER B 266 10.95 -2.18 0.75
CA SER B 266 11.63 -1.87 -0.50
C SER B 266 12.01 -3.18 -1.16
N LYS B 267 12.07 -3.19 -2.48
CA LYS B 267 12.45 -4.41 -3.19
C LYS B 267 13.94 -4.36 -3.53
N PHE B 268 14.64 -3.43 -2.90
CA PHE B 268 16.09 -3.31 -3.09
C PHE B 268 16.74 -4.27 -2.10
N ASN B 269 17.84 -4.90 -2.52
CA ASN B 269 18.53 -5.86 -1.66
C ASN B 269 19.95 -5.39 -1.40
N LEU B 270 20.11 -4.18 -0.87
CA LEU B 270 21.45 -3.65 -0.63
C LEU B 270 22.05 -4.07 0.70
N SER B 271 23.36 -3.85 0.82
CA SER B 271 24.10 -4.18 2.03
C SER B 271 24.47 -2.89 2.75
N ASN B 272 24.89 -3.05 4.01
CA ASN B 272 25.34 -1.97 4.88
C ASN B 272 26.51 -1.20 4.28
N VAL B 273 27.50 -1.97 3.85
CA VAL B 273 28.73 -1.46 3.25
C VAL B 273 28.49 -0.67 1.98
N ALA B 274 27.54 -1.12 1.17
CA ALA B 274 27.23 -0.41 -0.06
C ALA B 274 26.58 0.92 0.34
N PHE B 275 25.77 0.88 1.38
CA PHE B 275 25.07 2.07 1.87
C PHE B 275 26.11 3.10 2.30
N LEU B 276 27.08 2.67 3.10
CA LEU B 276 28.16 3.54 3.57
C LEU B 276 28.98 4.08 2.40
N LYS B 277 29.29 3.18 1.47
CA LYS B 277 30.07 3.53 0.29
C LYS B 277 29.36 4.65 -0.45
N ALA B 278 28.05 4.50 -0.62
CA ALA B 278 27.25 5.50 -1.31
C ALA B 278 27.44 6.85 -0.62
N PHE B 279 27.37 6.81 0.71
CA PHE B 279 27.55 8.00 1.55
C PHE B 279 28.92 8.64 1.27
N ASN B 280 29.97 7.82 1.23
CA ASN B 280 31.30 8.35 0.97
C ASN B 280 31.47 8.85 -0.45
N ILE B 281 30.76 8.24 -1.39
CA ILE B 281 30.85 8.69 -2.78
C ILE B 281 30.32 10.10 -2.92
N VAL B 282 29.18 10.37 -2.30
CA VAL B 282 28.61 11.71 -2.35
C VAL B 282 29.60 12.73 -1.79
N ARG B 283 30.19 12.40 -0.65
CA ARG B 283 31.15 13.30 -0.01
C ARG B 283 32.42 13.51 -0.83
N GLU B 284 32.82 12.49 -1.60
CA GLU B 284 34.00 12.60 -2.44
C GLU B 284 33.71 13.58 -3.58
N VAL B 285 32.48 13.54 -4.08
CA VAL B 285 32.08 14.42 -5.17
C VAL B 285 31.72 15.86 -4.75
N PHE B 286 30.98 16.01 -3.66
CA PHE B 286 30.55 17.34 -3.22
C PHE B 286 31.07 17.86 -1.89
N GLY B 287 31.96 17.13 -1.24
CA GLY B 287 32.48 17.57 0.04
C GLY B 287 31.45 17.31 1.13
N GLU B 288 31.56 18.04 2.24
CA GLU B 288 30.66 17.92 3.38
C GLU B 288 29.33 18.64 3.17
N GLY B 289 28.25 18.01 3.61
CA GLY B 289 26.94 18.62 3.48
C GLY B 289 26.16 18.47 4.77
N VAL B 290 24.82 18.52 4.68
CA VAL B 290 23.95 18.37 5.83
C VAL B 290 23.34 16.98 5.69
N TYR B 291 23.52 16.14 6.70
CA TYR B 291 23.03 14.77 6.63
C TYR B 291 21.75 14.51 7.41
N LEU B 292 20.78 13.90 6.73
CA LEU B 292 19.48 13.61 7.33
C LEU B 292 19.16 12.11 7.31
N GLY B 293 18.24 11.70 8.18
CA GLY B 293 17.84 10.30 8.21
C GLY B 293 16.80 10.06 7.13
N GLY B 294 15.88 9.14 7.39
CA GLY B 294 14.86 8.84 6.41
C GLY B 294 14.12 7.55 6.70
N GLY B 295 13.32 7.10 5.73
CA GLY B 295 12.58 5.87 5.91
C GLY B 295 13.47 4.71 6.31
N GLY B 296 12.99 3.90 7.26
CA GLY B 296 13.74 2.75 7.74
C GLY B 296 12.82 2.04 8.71
N TYR B 297 12.51 0.78 8.46
CA TYR B 297 11.55 0.06 9.31
C TYR B 297 12.05 -1.21 9.98
N HIS B 298 13.31 -1.55 9.73
CA HIS B 298 13.89 -2.73 10.38
C HIS B 298 14.84 -2.16 11.43
N PRO B 299 14.51 -2.31 12.72
CA PRO B 299 15.32 -1.81 13.83
C PRO B 299 16.79 -2.18 13.81
N TYR B 300 17.09 -3.44 13.51
CA TYR B 300 18.49 -3.87 13.47
C TYR B 300 19.22 -3.26 12.28
N ALA B 301 18.57 -3.29 11.11
CA ALA B 301 19.16 -2.72 9.90
C ALA B 301 19.49 -1.25 10.12
N LEU B 302 18.52 -0.53 10.64
CA LEU B 302 18.65 0.90 10.90
C LEU B 302 19.75 1.23 11.90
N ALA B 303 19.81 0.48 12.99
CA ALA B 303 20.82 0.72 14.02
C ALA B 303 22.22 0.49 13.50
N ARG B 304 22.43 -0.62 12.80
CA ARG B 304 23.75 -0.95 12.27
C ARG B 304 24.17 -0.02 11.15
N ALA B 305 23.26 0.25 10.22
CA ALA B 305 23.58 1.13 9.09
C ALA B 305 23.97 2.53 9.54
N TRP B 306 23.14 3.17 10.36
CA TRP B 306 23.47 4.51 10.80
C TRP B 306 24.68 4.54 11.72
N THR B 307 24.99 3.42 12.38
CA THR B 307 26.18 3.40 13.23
C THR B 307 27.41 3.49 12.32
N LEU B 308 27.32 2.86 11.15
CA LEU B 308 28.43 2.91 10.19
C LEU B 308 28.61 4.36 9.74
N ILE B 309 27.50 5.02 9.44
CA ILE B 309 27.54 6.41 9.02
C ILE B 309 28.21 7.26 10.10
N TRP B 310 27.77 7.09 11.35
CA TRP B 310 28.32 7.86 12.45
C TRP B 310 29.81 7.64 12.66
N CYS B 311 30.27 6.40 12.53
CA CYS B 311 31.69 6.12 12.69
C CYS B 311 32.53 6.79 11.60
N GLU B 312 32.00 6.81 10.38
CA GLU B 312 32.68 7.45 9.25
C GLU B 312 32.91 8.91 9.59
N LEU B 313 31.82 9.60 9.92
CA LEU B 313 31.88 11.03 10.25
C LEU B 313 32.73 11.30 11.48
N SER B 314 32.53 10.50 12.51
CA SER B 314 33.24 10.61 13.79
C SER B 314 34.71 10.27 13.68
N GLY B 315 35.10 9.67 12.57
CA GLY B 315 36.50 9.29 12.41
C GLY B 315 36.94 8.13 13.28
N ARG B 316 36.00 7.26 13.67
CA ARG B 316 36.38 6.13 14.50
C ARG B 316 36.20 4.79 13.80
N GLU B 317 37.03 3.82 14.18
CA GLU B 317 37.00 2.49 13.57
C GLU B 317 35.71 1.76 13.87
N VAL B 318 35.20 1.03 12.89
CA VAL B 318 33.97 0.29 13.07
C VAL B 318 34.30 -1.04 13.73
N PRO B 319 33.81 -1.26 14.96
CA PRO B 319 34.09 -2.53 15.63
C PRO B 319 33.50 -3.67 14.81
N GLU B 320 34.21 -4.78 14.74
CA GLU B 320 33.74 -5.94 13.97
C GLU B 320 32.41 -6.50 14.45
N LYS B 321 32.29 -6.70 15.75
CA LYS B 321 31.08 -7.27 16.32
C LYS B 321 30.38 -6.41 17.35
N LEU B 322 29.13 -6.76 17.61
CA LEU B 322 28.34 -6.05 18.60
C LEU B 322 28.76 -6.65 19.93
N ASN B 323 28.89 -5.81 20.96
CA ASN B 323 29.23 -6.34 22.27
C ASN B 323 27.94 -6.89 22.84
N ASN B 324 28.02 -7.54 23.99
CA ASN B 324 26.83 -8.13 24.60
C ASN B 324 25.77 -7.11 24.97
N LYS B 325 26.19 -5.92 25.39
CA LYS B 325 25.25 -4.88 25.78
C LYS B 325 24.37 -4.48 24.59
N ALA B 326 24.98 -4.41 23.43
CA ALA B 326 24.26 -4.04 22.22
C ALA B 326 23.31 -5.15 21.79
N LYS B 327 23.75 -6.40 21.91
CA LYS B 327 22.92 -7.53 21.51
C LYS B 327 21.63 -7.53 22.32
N GLU B 328 21.75 -7.37 23.62
CA GLU B 328 20.58 -7.36 24.50
C GLU B 328 19.66 -6.19 24.18
N LEU B 329 20.24 -5.07 23.78
CA LEU B 329 19.46 -3.90 23.43
C LEU B 329 18.54 -4.27 22.26
N LEU B 330 19.14 -4.68 21.15
CA LEU B 330 18.36 -5.07 19.98
C LEU B 330 17.36 -6.17 20.29
N LYS B 331 17.78 -7.17 21.06
CA LYS B 331 16.90 -8.27 21.40
C LYS B 331 15.70 -7.83 22.24
N SER B 332 15.90 -6.84 23.10
CA SER B 332 14.82 -6.35 23.95
C SER B 332 13.78 -5.52 23.21
N ILE B 333 14.02 -5.25 21.92
CA ILE B 333 13.09 -4.46 21.14
C ILE B 333 11.81 -5.17 20.76
N ASP B 334 10.74 -4.38 20.65
CA ASP B 334 9.42 -4.86 20.28
C ASP B 334 9.32 -4.94 18.75
N PHE B 335 10.00 -5.91 18.15
CA PHE B 335 10.00 -6.00 16.70
C PHE B 335 9.18 -7.11 16.04
N GLU B 336 9.83 -8.22 15.73
CA GLU B 336 9.20 -9.38 15.07
C GLU B 336 9.28 -9.27 13.55
N GLU B 337 10.07 -10.18 12.96
CA GLU B 337 10.31 -10.23 11.54
C GLU B 337 9.01 -10.47 10.76
N PHE B 338 8.80 -9.70 9.69
CA PHE B 338 7.59 -9.83 8.88
C PHE B 338 7.46 -11.24 8.31
N ASP B 339 8.59 -11.87 8.05
CA ASP B 339 8.60 -13.23 7.51
C ASP B 339 9.20 -14.21 8.51
N ASP B 340 8.39 -15.18 8.91
CA ASP B 340 8.76 -16.22 9.87
C ASP B 340 10.14 -16.82 9.62
N GLU B 341 10.33 -17.39 8.43
CA GLU B 341 11.60 -18.01 8.08
C GLU B 341 12.49 -17.09 7.25
N VAL B 342 13.38 -16.37 7.92
CA VAL B 342 14.29 -15.45 7.23
C VAL B 342 15.73 -15.64 7.68
N ASP B 343 15.92 -15.76 8.99
CA ASP B 343 17.24 -15.91 9.57
C ASP B 343 18.01 -14.61 9.44
N ARG B 344 17.91 -13.76 10.44
CA ARG B 344 18.60 -12.49 10.46
C ARG B 344 19.52 -12.46 11.67
N SER B 345 19.83 -13.65 12.19
CA SER B 345 20.68 -13.79 13.36
C SER B 345 22.02 -13.09 13.21
N TYR B 346 22.58 -13.07 12.00
CA TYR B 346 23.86 -12.43 11.76
C TYR B 346 23.84 -10.95 12.13
N MET B 347 22.66 -10.33 12.08
CA MET B 347 22.55 -8.93 12.40
C MET B 347 22.83 -8.63 13.87
N LEU B 348 22.69 -9.64 14.73
CA LEU B 348 22.95 -9.44 16.16
C LEU B 348 24.38 -9.83 16.49
N GLU B 349 25.15 -10.18 15.47
CA GLU B 349 26.54 -10.59 15.65
C GLU B 349 27.54 -9.53 15.21
N THR B 350 27.49 -9.18 13.93
CA THR B 350 28.41 -8.20 13.36
C THR B 350 27.73 -6.95 12.83
N LEU B 351 28.46 -5.83 12.87
CA LEU B 351 27.97 -4.55 12.40
C LEU B 351 27.85 -4.45 10.89
N LYS B 352 28.89 -4.90 10.20
CA LYS B 352 28.91 -4.83 8.75
C LYS B 352 28.42 -6.12 8.11
N ASP B 353 27.51 -6.00 7.17
CA ASP B 353 27.01 -7.18 6.49
C ASP B 353 27.91 -7.42 5.29
N PRO B 354 27.78 -8.60 4.67
CA PRO B 354 28.60 -8.94 3.51
C PRO B 354 28.16 -8.09 2.32
N TRP B 355 29.04 -7.94 1.34
CA TRP B 355 28.68 -7.18 0.16
C TRP B 355 27.64 -8.01 -0.59
N ARG B 356 26.67 -7.36 -1.21
CA ARG B 356 25.64 -8.04 -1.97
C ARG B 356 25.69 -7.50 -3.40
N GLY B 357 26.63 -8.02 -4.19
CA GLY B 357 26.81 -7.56 -5.55
C GLY B 357 26.19 -8.39 -6.66
N GLY B 358 26.79 -8.28 -7.84
CA GLY B 358 26.30 -8.99 -9.00
C GLY B 358 26.57 -8.08 -10.18
N GLU B 359 26.05 -8.43 -11.35
CA GLU B 359 26.25 -7.61 -12.54
C GLU B 359 25.28 -6.43 -12.48
N VAL B 360 25.52 -5.44 -13.33
CA VAL B 360 24.63 -4.28 -13.42
C VAL B 360 23.73 -4.56 -14.61
N ARG B 361 22.44 -4.81 -14.34
CA ARG B 361 21.47 -5.08 -15.40
C ARG B 361 21.45 -4.01 -16.48
N LYS B 362 21.12 -4.45 -17.68
CA LYS B 362 21.02 -3.59 -18.85
C LYS B 362 20.00 -2.47 -18.67
N GLU B 363 18.83 -2.80 -18.11
CA GLU B 363 17.81 -1.77 -17.92
C GLU B 363 18.35 -0.63 -17.05
N VAL B 364 19.15 -0.96 -16.04
CA VAL B 364 19.74 0.07 -15.18
C VAL B 364 20.66 0.97 -15.99
N LYS B 365 21.46 0.37 -16.86
CA LYS B 365 22.38 1.14 -17.71
C LYS B 365 21.57 2.00 -18.68
N ASP B 366 20.50 1.45 -19.23
CA ASP B 366 19.66 2.21 -20.16
C ASP B 366 19.00 3.39 -19.47
N THR B 367 18.57 3.20 -18.22
CA THR B 367 17.93 4.30 -17.48
C THR B 367 18.92 5.45 -17.30
N LEU B 368 20.12 5.15 -16.83
CA LEU B 368 21.11 6.20 -16.64
C LEU B 368 21.44 6.84 -17.98
N GLU B 369 21.41 6.04 -19.03
CA GLU B 369 21.67 6.54 -20.38
C GLU B 369 20.66 7.63 -20.71
N LYS B 370 19.38 7.30 -20.62
CA LYS B 370 18.35 8.29 -20.91
C LYS B 370 18.46 9.49 -19.99
N ALA B 371 18.78 9.24 -18.72
CA ALA B 371 18.91 10.32 -17.76
C ALA B 371 19.89 11.37 -18.26
N LYS B 372 21.03 10.93 -18.77
CA LYS B 372 22.09 11.83 -19.26
C LYS B 372 21.55 12.71 -20.39
N ALA B 373 20.38 12.42 -20.92
CA ALA B 373 19.78 13.21 -22.00
C ALA B 373 18.63 14.03 -21.47
ZN ZN C . -9.38 -8.08 -2.24
O1 TSN D . -10.68 -6.26 -2.21
O2 TSN D . -8.24 -6.40 -3.60
O3 TSN D . -1.38 -3.78 -2.93
N1 TSN D . -9.55 -5.49 -1.93
N2 TSN D . -0.07 0.21 -7.86
C1 TSN D . -1.49 -1.90 -4.38
C2 TSN D . -2.05 -0.67 -4.77
C3 TSN D . -1.61 0.05 -5.89
C4 TSN D . -0.53 -0.48 -6.71
C5 TSN D . 0.03 -1.72 -6.30
C6 TSN D . -0.43 -2.41 -5.19
C7 TSN D . -1.92 -2.71 -3.21
C8 TSN D . -3.11 -2.22 -2.33
C9 TSN D . -4.24 -3.23 -2.43
C10 TSN D . -5.58 -2.99 -2.48
C11 TSN D . -6.42 -4.21 -2.57
C12 TSN D . -7.76 -4.21 -2.73
C13 TSN D . -8.51 -5.46 -2.82
C14 TSN D . -2.63 -2.07 -0.87
C15 TSN D . -6.21 -1.60 -2.47
C17 TSN D . 0.99 -0.39 -8.71
C16 TSN D . -0.63 1.48 -8.28
ZN ZN E . 11.36 5.14 2.04
O1 TSN F . 10.35 7.09 2.34
O2 TSN F . 9.38 4.81 3.44
O3 TSN F . 4.29 -0.37 2.58
N1 TSN F . 9.02 6.73 2.26
N2 TSN F . 0.54 -0.77 7.85
C1 TSN F . 2.74 0.23 4.29
C2 TSN F . 1.86 1.15 4.89
C3 TSN F . 1.13 0.86 6.04
C4 TSN F . 1.26 -0.44 6.68
C5 TSN F . 2.14 -1.38 6.06
C6 TSN F . 2.85 -1.06 4.91
C7 TSN F . 3.55 0.48 3.07
C8 TSN F . 3.48 1.89 2.41
C9 TSN F . 4.84 2.55 2.54
C10 TSN F . 5.14 3.87 2.73
C11 TSN F . 6.59 4.17 2.84
C12 TSN F . 7.15 5.41 2.73
C13 TSN F . 8.60 5.58 2.87
C14 TSN F . 3.08 1.74 0.92
C15 TSN F . 4.10 4.98 2.83
C17 TSN F . 0.69 -2.09 8.48
C16 TSN F . -0.37 0.17 8.48
#